data_3PU8
#
_entry.id   3PU8
#
_cell.length_a   65.748
_cell.length_b   98.126
_cell.length_c   66.517
_cell.angle_alpha   90.00
_cell.angle_beta   90.13
_cell.angle_gamma   90.00
#
_symmetry.space_group_name_H-M   'P 1 21 1'
#
loop_
_entity.id
_entity.type
_entity.pdbx_description
1 polymer 'PHD finger protein 2'
2 non-polymer 'OXYGEN MOLECULE'
3 non-polymer 1,2-ETHANEDIOL
4 non-polymer N-OXALYLGLYCINE
5 non-polymer 'CHLORIDE ION'
6 non-polymer 'FE (III) ION'
7 non-polymer 'SULFATE ION'
8 water water
#
_entity_poly.entity_id   1
_entity_poly.type   'polypeptide(L)'
_entity_poly.pdbx_seq_one_letter_code
;STLKKKRTWHKHGPGQAPDVKPVQNGSQLFIKELRSRTFPSAEDVVARVPGSQLTLGYMEEHGFTEPILVPKKDGLGLAV
PAPTFYVSDVENYVGPERSVDVTDVTKQKDCKMKLKEFVDYYYSTNRKRVLNVTNLEFSDTRMSSFVEPPDIVKKLSWVE
NYWPDDALLAKPKVTKYCLICVKDSYTDFHIDSGGASAWYHVLKGEKTFYLIRPASANISLYERWRSASNHSEMFFADQV
DKCYKCIVKQGQTLFIPSGWIYATLTPVDCLAFAGHFLHSLSVEMQMRAYEVERRLKLGSLTQFPNFETACWYMGKHLLE
AFKGSHKSGKQLPPHLVQGAKILNGAFRSWTKKQALAEHEDELPEHFKPSQLIKDLAKEIRLSENASKAVRP
;
_entity_poly.pdbx_strand_id   B,A
#
loop_
_chem_comp.id
_chem_comp.type
_chem_comp.name
_chem_comp.formula
CL non-polymer 'CHLORIDE ION' 'Cl -1'
EDO non-polymer 1,2-ETHANEDIOL 'C2 H6 O2'
FE non-polymer 'FE (III) ION' 'Fe 3'
OGA non-polymer N-OXALYLGLYCINE 'C4 H5 N O5'
OXY non-polymer 'OXYGEN MOLECULE' O2
SO4 non-polymer 'SULFATE ION' 'O4 S -2'
#
# COMPACT_ATOMS: atom_id res chain seq x y z
N LYS A 21 30.06 8.77 -30.08
CA LYS A 21 28.95 8.89 -29.15
C LYS A 21 27.80 7.94 -29.49
N PRO A 22 27.39 7.11 -28.51
CA PRO A 22 26.27 6.18 -28.69
C PRO A 22 24.91 6.88 -28.71
N VAL A 23 24.02 6.41 -29.56
CA VAL A 23 22.69 7.01 -29.73
C VAL A 23 21.72 6.58 -28.65
N GLN A 24 21.06 7.54 -28.02
CA GLN A 24 20.08 7.21 -26.98
C GLN A 24 18.68 7.02 -27.56
N ASN A 25 17.96 6.04 -27.02
CA ASN A 25 16.59 5.78 -27.42
C ASN A 25 15.71 7.02 -27.17
N GLY A 26 14.97 7.44 -28.19
CA GLY A 26 14.08 8.58 -28.05
C GLY A 26 14.64 9.87 -28.63
N SER A 27 15.97 9.94 -28.75
CA SER A 27 16.63 11.11 -29.33
C SER A 27 16.21 11.36 -30.76
N GLN A 28 16.44 12.59 -31.21
CA GLN A 28 16.10 13.01 -32.57
C GLN A 28 16.69 12.10 -33.65
N LEU A 29 17.95 11.71 -33.47
CA LEU A 29 18.63 10.86 -34.46
C LEU A 29 18.05 9.44 -34.48
N PHE A 30 17.80 8.91 -33.29
CA PHE A 30 17.16 7.61 -33.15
C PHE A 30 15.86 7.55 -33.93
N ILE A 31 15.01 8.55 -33.71
CA ILE A 31 13.73 8.59 -34.38
C ILE A 31 13.93 8.61 -35.89
N LYS A 32 14.92 9.35 -36.37
CA LYS A 32 15.17 9.40 -37.81
C LYS A 32 15.58 8.02 -38.31
N GLU A 33 16.54 7.41 -37.61
CA GLU A 33 16.96 6.06 -37.98
C GLU A 33 15.76 5.13 -37.97
N LEU A 34 14.99 5.16 -36.88
CA LEU A 34 13.87 4.25 -36.72
C LEU A 34 12.86 4.36 -37.86
N ARG A 35 12.56 5.59 -38.29
CA ARG A 35 11.63 5.80 -39.38
C ARG A 35 12.12 5.17 -40.68
N SER A 36 13.44 5.00 -40.80
CA SER A 36 14.02 4.47 -42.02
C SER A 36 14.18 2.94 -42.01
N ARG A 37 14.21 2.36 -40.81
CA ARG A 37 14.33 0.92 -40.67
C ARG A 37 13.12 0.21 -41.25
N THR A 38 13.35 -0.92 -41.91
CA THR A 38 12.27 -1.76 -42.41
C THR A 38 11.98 -2.88 -41.42
N PHE A 39 10.71 -3.23 -41.27
CA PHE A 39 10.30 -4.26 -40.33
C PHE A 39 9.35 -5.20 -41.05
N PRO A 40 9.32 -6.47 -40.63
CA PRO A 40 8.27 -7.34 -41.16
C PRO A 40 6.90 -6.76 -40.85
N SER A 41 5.99 -6.86 -41.79
CA SER A 41 4.65 -6.30 -41.62
C SER A 41 3.82 -7.10 -40.62
N ALA A 42 2.96 -6.41 -39.89
CA ALA A 42 2.11 -7.08 -38.89
C ALA A 42 1.08 -7.97 -39.57
N GLU A 43 1.11 -7.98 -40.91
CA GLU A 43 0.18 -8.73 -41.75
C GLU A 43 0.01 -10.22 -41.40
N ASP A 44 1.13 -10.90 -41.20
CA ASP A 44 1.10 -12.32 -40.94
C ASP A 44 0.78 -12.66 -39.48
N VAL A 45 0.55 -11.63 -38.67
CA VAL A 45 0.46 -11.80 -37.22
C VAL A 45 -0.82 -11.21 -36.60
N VAL A 46 -1.16 -10.02 -37.04
CA VAL A 46 -2.32 -9.32 -36.51
C VAL A 46 -3.55 -9.58 -37.35
N ALA A 47 -4.55 -10.22 -36.76
CA ALA A 47 -5.81 -10.46 -37.47
C ALA A 47 -6.61 -9.18 -37.58
N ARG A 48 -7.21 -8.95 -38.74
CA ARG A 48 -8.20 -7.91 -38.91
C ARG A 48 -9.56 -8.53 -38.68
N VAL A 49 -10.34 -7.97 -37.77
CA VAL A 49 -11.60 -8.58 -37.39
C VAL A 49 -12.67 -7.51 -37.24
N PRO A 50 -13.88 -7.79 -37.74
CA PRO A 50 -15.01 -6.86 -37.53
C PRO A 50 -15.49 -6.88 -36.08
N GLY A 51 -15.85 -5.72 -35.55
CA GLY A 51 -16.19 -5.61 -34.14
C GLY A 51 -17.17 -6.64 -33.65
N SER A 52 -18.18 -6.94 -34.46
CA SER A 52 -19.25 -7.84 -34.03
C SER A 52 -18.78 -9.28 -33.92
N GLN A 53 -17.63 -9.60 -34.50
CA GLN A 53 -17.11 -10.97 -34.47
C GLN A 53 -16.22 -11.24 -33.26
N LEU A 54 -15.70 -10.18 -32.65
CA LEU A 54 -14.89 -10.33 -31.46
CA LEU A 54 -14.89 -10.32 -31.45
C LEU A 54 -15.75 -10.74 -30.27
N THR A 55 -16.09 -12.02 -30.23
CA THR A 55 -16.93 -12.57 -29.17
C THR A 55 -16.11 -13.37 -28.20
N LEU A 56 -16.75 -13.77 -27.11
CA LEU A 56 -16.13 -14.65 -26.15
C LEU A 56 -15.81 -15.99 -26.82
N GLY A 57 -16.67 -16.39 -27.76
CA GLY A 57 -16.45 -17.61 -28.52
C GLY A 57 -15.20 -17.54 -29.38
N TYR A 58 -15.08 -16.47 -30.14
CA TYR A 58 -13.87 -16.19 -30.90
C TYR A 58 -12.60 -16.22 -30.03
N MET A 59 -12.63 -15.56 -28.88
CA MET A 59 -11.44 -15.52 -28.03
C MET A 59 -11.05 -16.91 -27.59
N GLU A 60 -12.05 -17.71 -27.23
CA GLU A 60 -11.78 -19.06 -26.78
C GLU A 60 -11.23 -19.93 -27.90
N GLU A 61 -11.77 -19.77 -29.10
CA GLU A 61 -11.32 -20.57 -30.24
C GLU A 61 -9.88 -20.25 -30.62
N HIS A 62 -9.53 -18.97 -30.65
CA HIS A 62 -8.20 -18.57 -31.07
C HIS A 62 -7.24 -18.39 -29.89
N GLY A 63 -7.80 -18.20 -28.71
CA GLY A 63 -7.00 -18.12 -27.49
C GLY A 63 -6.28 -16.81 -27.21
N PHE A 64 -6.58 -15.78 -27.98
CA PHE A 64 -5.96 -14.46 -27.74
C PHE A 64 -4.44 -14.56 -27.55
N THR A 65 -3.76 -15.19 -28.51
CA THR A 65 -2.30 -15.28 -28.45
C THR A 65 -1.61 -14.29 -29.41
N GLU A 66 -2.38 -13.66 -30.28
CA GLU A 66 -1.82 -12.66 -31.19
C GLU A 66 -2.67 -11.39 -31.16
N PRO A 67 -2.06 -10.24 -31.47
CA PRO A 67 -2.85 -9.01 -31.42
C PRO A 67 -3.99 -9.06 -32.42
N ILE A 68 -5.00 -8.22 -32.21
CA ILE A 68 -6.16 -8.17 -33.09
C ILE A 68 -6.45 -6.72 -33.40
N LEU A 69 -6.65 -6.41 -34.67
CA LEU A 69 -6.96 -5.05 -35.09
C LEU A 69 -8.42 -5.00 -35.53
N VAL A 70 -9.16 -4.06 -34.96
CA VAL A 70 -10.53 -3.82 -35.35
C VAL A 70 -10.61 -2.48 -36.09
N PRO A 71 -10.72 -2.52 -37.43
CA PRO A 71 -10.62 -1.32 -38.25
C PRO A 71 -11.70 -0.30 -37.95
N LYS A 72 -12.91 -0.75 -37.64
CA LYS A 72 -14.01 0.16 -37.32
C LYS A 72 -14.65 -0.24 -36.01
N LYS A 73 -15.12 0.73 -35.24
CA LYS A 73 -15.57 0.43 -33.87
C LYS A 73 -16.95 -0.24 -33.84
N ASP A 74 -17.68 -0.15 -34.96
CA ASP A 74 -19.02 -0.74 -35.02
C ASP A 74 -19.03 -2.16 -34.49
N GLY A 75 -19.90 -2.43 -33.52
CA GLY A 75 -20.02 -3.77 -32.99
C GLY A 75 -19.23 -4.03 -31.71
N LEU A 76 -18.31 -3.14 -31.38
CA LEU A 76 -17.46 -3.34 -30.20
C LEU A 76 -18.15 -2.98 -28.88
N GLY A 77 -19.16 -2.13 -28.94
CA GLY A 77 -19.76 -1.61 -27.73
C GLY A 77 -18.80 -0.63 -27.09
N LEU A 78 -17.88 -0.11 -27.90
CA LEU A 78 -16.95 0.91 -27.43
C LEU A 78 -17.58 2.30 -27.43
N ALA A 79 -17.57 2.97 -26.28
CA ALA A 79 -18.02 4.35 -26.22
C ALA A 79 -16.83 5.30 -26.16
N VAL A 80 -16.78 6.23 -27.11
CA VAL A 80 -15.74 7.26 -27.12
C VAL A 80 -16.33 8.54 -27.69
N PRO A 81 -15.73 9.69 -27.34
CA PRO A 81 -16.17 10.98 -27.89
C PRO A 81 -15.94 10.98 -29.39
N ALA A 82 -16.56 11.92 -30.11
CA ALA A 82 -16.34 12.07 -31.54
C ALA A 82 -14.93 12.60 -31.80
N PRO A 83 -14.43 12.42 -33.03
CA PRO A 83 -13.10 12.93 -33.41
C PRO A 83 -12.99 14.43 -33.19
N THR A 84 -14.12 15.13 -33.10
CA THR A 84 -14.11 16.56 -32.83
C THR A 84 -13.84 16.87 -31.36
N PHE A 85 -13.26 15.89 -30.66
CA PHE A 85 -12.88 16.02 -29.26
C PHE A 85 -11.38 16.30 -29.19
N TYR A 86 -10.98 17.38 -28.52
CA TYR A 86 -9.58 17.81 -28.59
C TYR A 86 -8.84 17.76 -27.28
N VAL A 87 -7.54 17.96 -27.34
CA VAL A 87 -6.74 18.02 -26.14
C VAL A 87 -7.25 19.12 -25.22
N SER A 88 -7.72 20.23 -25.80
CA SER A 88 -8.28 21.29 -24.98
C SER A 88 -9.53 20.78 -24.25
N ASP A 89 -10.28 19.89 -24.88
CA ASP A 89 -11.43 19.28 -24.22
C ASP A 89 -11.01 18.38 -23.05
N VAL A 90 -9.93 17.62 -23.24
CA VAL A 90 -9.42 16.77 -22.17
C VAL A 90 -9.11 17.65 -20.95
N GLU A 91 -8.47 18.79 -21.19
CA GLU A 91 -8.13 19.72 -20.12
C GLU A 91 -9.36 20.10 -19.33
N ASN A 92 -10.45 20.42 -20.03
CA ASN A 92 -11.70 20.81 -19.39
C ASN A 92 -12.29 19.71 -18.52
N TYR A 93 -12.48 18.53 -19.10
CA TYR A 93 -13.18 17.48 -18.38
C TYR A 93 -12.33 16.78 -17.32
N VAL A 94 -11.02 16.77 -17.52
CA VAL A 94 -10.12 16.15 -16.55
C VAL A 94 -9.78 17.11 -15.42
N GLY A 95 -9.51 18.37 -15.77
CA GLY A 95 -9.18 19.40 -14.80
C GLY A 95 -7.80 19.95 -15.03
N PRO A 96 -7.69 21.27 -15.26
CA PRO A 96 -6.42 21.93 -15.56
C PRO A 96 -5.40 21.81 -14.45
N GLU A 97 -5.87 21.61 -13.22
CA GLU A 97 -4.98 21.60 -12.06
C GLU A 97 -4.51 20.18 -11.74
N ARG A 98 -5.21 19.19 -12.28
CA ARG A 98 -4.83 17.78 -12.15
C ARG A 98 -3.34 17.56 -12.46
N SER A 99 -2.62 16.98 -11.51
CA SER A 99 -1.21 16.68 -11.73
C SER A 99 -1.07 15.49 -12.68
N VAL A 100 -0.10 15.55 -13.59
CA VAL A 100 0.10 14.46 -14.53
C VAL A 100 1.55 14.09 -14.68
N ASP A 101 1.80 12.83 -15.00
CA ASP A 101 3.14 12.36 -15.32
C ASP A 101 3.44 12.70 -16.78
N VAL A 102 4.56 13.35 -17.00
CA VAL A 102 4.92 13.74 -18.35
C VAL A 102 6.26 13.14 -18.68
N THR A 103 6.34 12.53 -19.86
CA THR A 103 7.55 11.89 -20.32
C THR A 103 8.31 12.79 -21.28
N ASP A 104 9.52 13.15 -20.90
CA ASP A 104 10.43 13.83 -21.81
C ASP A 104 11.08 12.79 -22.68
N VAL A 105 10.62 12.67 -23.92
CA VAL A 105 11.03 11.57 -24.78
C VAL A 105 12.53 11.54 -25.08
N THR A 106 13.13 12.71 -25.28
CA THR A 106 14.55 12.74 -25.62
C THR A 106 15.44 12.38 -24.44
N LYS A 107 15.11 12.85 -23.25
CA LYS A 107 15.86 12.46 -22.05
C LYS A 107 15.54 11.02 -21.66
N GLN A 108 14.36 10.56 -22.04
CA GLN A 108 13.80 9.31 -21.54
C GLN A 108 13.64 9.39 -20.02
N LYS A 109 13.25 10.57 -19.53
CA LYS A 109 13.00 10.77 -18.11
C LYS A 109 11.59 11.27 -17.88
N ASP A 110 11.03 10.98 -16.72
CA ASP A 110 9.66 11.41 -16.41
C ASP A 110 9.67 12.55 -15.39
N CYS A 111 8.63 13.39 -15.44
CA CYS A 111 8.43 14.44 -14.45
C CYS A 111 6.95 14.67 -14.19
N LYS A 112 6.65 15.60 -13.28
CA LYS A 112 5.27 15.92 -12.92
C LYS A 112 4.97 17.36 -13.28
N MET A 113 3.69 17.64 -13.57
CA MET A 113 3.27 18.99 -13.92
C MET A 113 1.76 19.04 -14.04
N LYS A 114 1.18 20.23 -13.86
CA LYS A 114 -0.27 20.38 -14.02
C LYS A 114 -0.67 20.16 -15.46
N LEU A 115 -1.88 19.66 -15.67
CA LEU A 115 -2.32 19.31 -17.01
C LEU A 115 -2.37 20.58 -17.84
N LYS A 116 -2.84 21.66 -17.23
CA LYS A 116 -2.95 22.95 -17.92
C LYS A 116 -1.59 23.34 -18.50
N GLU A 117 -0.51 22.99 -17.80
CA GLU A 117 0.82 23.30 -18.28
C GLU A 117 1.23 22.43 -19.46
N PHE A 118 0.97 21.12 -19.35
CA PHE A 118 1.25 20.26 -20.48
C PHE A 118 0.46 20.74 -21.69
N VAL A 119 -0.82 21.08 -21.48
CA VAL A 119 -1.67 21.54 -22.56
C VAL A 119 -1.14 22.83 -23.19
N ASP A 120 -0.58 23.71 -22.38
CA ASP A 120 0.00 24.93 -22.93
C ASP A 120 1.16 24.60 -23.86
N TYR A 121 1.96 23.62 -23.47
CA TYR A 121 3.04 23.11 -24.32
C TYR A 121 2.49 22.46 -25.58
N TYR A 122 1.47 21.62 -25.43
CA TYR A 122 0.91 20.90 -26.58
C TYR A 122 0.49 21.84 -27.70
N TYR A 123 -0.11 22.97 -27.32
CA TYR A 123 -0.64 23.92 -28.29
C TYR A 123 0.39 24.95 -28.73
N SER A 124 1.62 24.82 -28.23
CA SER A 124 2.70 25.69 -28.65
C SER A 124 3.00 25.56 -30.14
N THR A 125 3.34 26.68 -30.76
CA THR A 125 3.62 26.71 -32.19
C THR A 125 5.07 26.32 -32.46
N ASN A 126 5.89 26.36 -31.42
CA ASN A 126 7.29 26.02 -31.56
C ASN A 126 7.77 25.18 -30.38
N ARG A 127 7.21 23.99 -30.21
CA ARG A 127 7.67 23.10 -29.15
C ARG A 127 9.15 22.83 -29.38
N LYS A 128 9.96 23.03 -28.34
CA LYS A 128 11.36 22.66 -28.40
C LYS A 128 11.47 21.20 -27.98
N ARG A 129 10.75 20.87 -26.90
CA ARG A 129 10.79 19.54 -26.32
C ARG A 129 9.85 18.56 -27.01
N VAL A 130 10.09 17.27 -26.75
CA VAL A 130 9.18 16.21 -27.17
C VAL A 130 8.65 15.58 -25.90
N LEU A 131 7.39 15.86 -25.58
CA LEU A 131 6.81 15.43 -24.31
C LEU A 131 5.49 14.73 -24.56
N ASN A 132 5.23 13.65 -23.82
CA ASN A 132 3.93 13.00 -23.91
C ASN A 132 3.31 12.68 -22.56
N VAL A 133 2.02 12.43 -22.59
CA VAL A 133 1.29 11.94 -21.43
C VAL A 133 0.78 10.56 -21.80
N THR A 134 1.26 9.54 -21.10
CA THR A 134 0.88 8.17 -21.42
C THR A 134 0.44 7.38 -20.19
N ASN A 135 0.12 8.09 -19.11
CA ASN A 135 -0.25 7.46 -17.83
C ASN A 135 -1.47 8.11 -17.20
N LEU A 136 -2.20 8.90 -17.98
CA LEU A 136 -3.35 9.64 -17.47
C LEU A 136 -4.61 8.79 -17.36
N GLU A 137 -4.87 8.24 -16.18
CA GLU A 137 -6.07 7.42 -15.94
C GLU A 137 -7.17 8.33 -15.41
N PHE A 138 -8.28 8.39 -16.13
CA PHE A 138 -9.28 9.45 -15.90
C PHE A 138 -10.64 8.93 -15.42
N SER A 139 -10.66 7.71 -14.89
CA SER A 139 -11.89 7.15 -14.36
C SER A 139 -12.44 7.96 -13.19
N ASP A 140 -11.59 8.76 -12.55
CA ASP A 140 -12.04 9.58 -11.42
C ASP A 140 -12.23 11.04 -11.83
N THR A 141 -12.64 11.26 -13.08
CA THR A 141 -12.90 12.62 -13.58
C THR A 141 -14.22 12.66 -14.29
N ARG A 142 -14.66 13.87 -14.64
CA ARG A 142 -15.89 14.05 -15.41
C ARG A 142 -15.79 13.45 -16.81
N MET A 143 -14.58 13.30 -17.32
CA MET A 143 -14.39 12.71 -18.64
C MET A 143 -14.69 11.21 -18.65
N SER A 144 -14.77 10.59 -17.47
CA SER A 144 -14.97 9.14 -17.39
C SER A 144 -16.24 8.70 -18.12
N SER A 145 -17.32 9.47 -17.97
CA SER A 145 -18.59 9.10 -18.59
C SER A 145 -18.56 9.11 -20.12
N PHE A 146 -17.56 9.76 -20.71
CA PHE A 146 -17.45 9.80 -22.18
C PHE A 146 -16.87 8.53 -22.80
N VAL A 147 -16.18 7.73 -21.98
CA VAL A 147 -15.50 6.54 -22.50
C VAL A 147 -15.98 5.27 -21.82
N GLU A 148 -16.28 4.27 -22.63
CA GLU A 148 -16.68 2.96 -22.14
C GLU A 148 -15.92 1.88 -22.91
N PRO A 149 -15.15 1.05 -22.19
CA PRO A 149 -14.34 0.00 -22.83
C PRO A 149 -15.18 -0.97 -23.66
N PRO A 150 -14.55 -1.63 -24.64
CA PRO A 150 -15.28 -2.56 -25.50
C PRO A 150 -15.96 -3.66 -24.70
N ASP A 151 -17.11 -4.13 -25.17
CA ASP A 151 -17.82 -5.23 -24.51
C ASP A 151 -16.93 -6.47 -24.26
N ILE A 152 -16.08 -6.80 -25.21
CA ILE A 152 -15.25 -8.00 -25.06
C ILE A 152 -14.29 -7.90 -23.88
N VAL A 153 -13.77 -6.70 -23.63
CA VAL A 153 -12.89 -6.45 -22.49
C VAL A 153 -13.64 -6.68 -21.17
N LYS A 154 -14.86 -6.17 -21.08
CA LYS A 154 -15.67 -6.37 -19.89
C LYS A 154 -15.98 -7.85 -19.67
N LYS A 155 -16.23 -8.59 -20.75
CA LYS A 155 -16.51 -10.02 -20.61
C LYS A 155 -15.27 -10.83 -20.20
N LEU A 156 -14.10 -10.41 -20.66
CA LEU A 156 -12.85 -11.11 -20.33
C LEU A 156 -12.27 -10.71 -18.97
N SER A 157 -12.47 -9.46 -18.57
CA SER A 157 -11.80 -8.90 -17.40
C SER A 157 -12.07 -9.62 -16.06
N TRP A 158 -11.00 -10.00 -15.36
CA TRP A 158 -11.14 -10.57 -14.02
C TRP A 158 -11.77 -9.59 -13.04
N VAL A 159 -11.32 -8.35 -13.08
CA VAL A 159 -11.81 -7.36 -12.13
C VAL A 159 -13.30 -7.09 -12.37
N GLU A 160 -13.66 -6.87 -13.62
CA GLU A 160 -15.06 -6.66 -13.97
C GLU A 160 -15.95 -7.81 -13.50
N ASN A 161 -15.45 -9.04 -13.59
CA ASN A 161 -16.29 -10.20 -13.30
C ASN A 161 -16.26 -10.72 -11.86
N TYR A 162 -15.11 -10.65 -11.20
CA TYR A 162 -14.91 -11.38 -9.95
C TYR A 162 -14.55 -10.51 -8.75
N TRP A 163 -14.36 -9.21 -8.97
CA TRP A 163 -14.04 -8.31 -7.88
C TRP A 163 -15.33 -7.66 -7.40
N PRO A 164 -15.74 -7.93 -6.15
CA PRO A 164 -17.04 -7.46 -5.68
C PRO A 164 -17.11 -5.94 -5.64
N ASP A 165 -18.28 -5.40 -5.96
CA ASP A 165 -18.46 -3.95 -5.95
C ASP A 165 -18.40 -3.36 -4.54
N ASP A 166 -18.53 -4.22 -3.53
CA ASP A 166 -18.48 -3.76 -2.14
C ASP A 166 -17.14 -4.03 -1.44
N ALA A 167 -16.13 -4.42 -2.23
CA ALA A 167 -14.81 -4.74 -1.70
C ALA A 167 -14.18 -3.59 -0.91
N LEU A 168 -13.40 -3.93 0.11
CA LEU A 168 -12.72 -2.93 0.91
C LEU A 168 -11.45 -2.43 0.23
N LEU A 169 -10.87 -3.24 -0.65
CA LEU A 169 -9.70 -2.82 -1.41
C LEU A 169 -10.19 -2.23 -2.73
N ALA A 170 -9.64 -1.08 -3.10
CA ALA A 170 -10.08 -0.37 -4.30
C ALA A 170 -9.68 -1.15 -5.55
N LYS A 171 -10.57 -1.22 -6.55
CA LYS A 171 -10.28 -1.90 -7.81
C LYS A 171 -9.06 -1.29 -8.49
N PRO A 172 -8.28 -2.12 -9.22
CA PRO A 172 -7.13 -1.58 -9.94
C PRO A 172 -7.54 -0.44 -10.89
N LYS A 173 -6.95 0.73 -10.71
CA LYS A 173 -7.32 1.92 -11.49
C LYS A 173 -6.53 1.92 -12.80
N VAL A 174 -6.91 1.04 -13.73
CA VAL A 174 -6.17 0.86 -14.97
C VAL A 174 -7.09 0.75 -16.18
N THR A 175 -8.36 1.14 -16.02
CA THR A 175 -9.37 0.80 -17.03
C THR A 175 -9.61 1.86 -18.11
N LYS A 176 -9.20 3.11 -17.85
CA LYS A 176 -9.47 4.23 -18.76
C LYS A 176 -8.29 5.16 -18.77
N TYR A 177 -7.43 5.03 -19.78
CA TYR A 177 -6.29 5.93 -19.89
C TYR A 177 -6.47 6.83 -21.09
N CYS A 178 -6.06 8.08 -20.96
CA CYS A 178 -6.03 9.02 -22.07
C CYS A 178 -4.57 9.25 -22.44
N LEU A 179 -4.21 8.95 -23.68
CA LEU A 179 -2.83 9.14 -24.13
C LEU A 179 -2.73 10.33 -25.09
N ILE A 180 -1.83 11.26 -24.79
CA ILE A 180 -1.60 12.40 -25.67
C ILE A 180 -0.14 12.43 -26.08
N CYS A 181 0.12 12.20 -27.37
CA CYS A 181 1.50 12.11 -27.86
C CYS A 181 1.76 13.10 -28.98
N VAL A 182 2.86 13.83 -28.91
CA VAL A 182 3.19 14.75 -29.99
C VAL A 182 3.95 14.01 -31.08
N LYS A 183 3.97 14.60 -32.26
CA LYS A 183 4.76 14.05 -33.37
C LYS A 183 6.19 13.80 -32.92
N ASP A 184 6.72 12.63 -33.29
CA ASP A 184 8.05 12.16 -32.86
C ASP A 184 8.14 11.57 -31.46
N SER A 185 7.00 11.36 -30.81
CA SER A 185 7.01 10.71 -29.51
CA SER A 185 7.00 10.71 -29.51
C SER A 185 7.41 9.26 -29.72
N TYR A 186 8.07 8.69 -28.73
CA TYR A 186 8.52 7.29 -28.77
C TYR A 186 8.35 6.72 -27.38
N THR A 187 7.81 5.51 -27.30
CA THR A 187 7.79 4.77 -26.04
C THR A 187 8.58 3.49 -26.28
N ASP A 188 9.57 3.25 -25.42
CA ASP A 188 10.53 2.16 -25.62
C ASP A 188 9.88 0.80 -25.33
N PHE A 189 10.56 -0.28 -25.74
CA PHE A 189 10.01 -1.62 -25.56
C PHE A 189 9.71 -1.96 -24.12
N HIS A 190 8.53 -2.52 -23.89
CA HIS A 190 8.13 -2.91 -22.56
C HIS A 190 7.05 -3.97 -22.63
N ILE A 191 6.87 -4.69 -21.53
CA ILE A 191 5.69 -5.51 -21.36
C ILE A 191 4.80 -4.77 -20.36
N ASP A 192 3.50 -4.70 -20.62
CA ASP A 192 2.62 -4.02 -19.71
C ASP A 192 2.58 -4.72 -18.36
N SER A 193 2.43 -3.93 -17.30
CA SER A 193 2.48 -4.46 -15.94
C SER A 193 1.43 -5.56 -15.74
N GLY A 194 1.80 -6.59 -14.98
CA GLY A 194 0.89 -7.68 -14.66
C GLY A 194 0.70 -8.62 -15.84
N GLY A 195 1.47 -8.41 -16.89
CA GLY A 195 1.26 -9.15 -18.12
C GLY A 195 -0.15 -8.93 -18.63
N ALA A 196 -0.71 -7.79 -18.28
CA ALA A 196 -2.07 -7.45 -18.66
C ALA A 196 -2.22 -7.28 -20.17
N SER A 197 -3.42 -7.56 -20.66
CA SER A 197 -3.74 -7.35 -22.06
C SER A 197 -4.25 -5.92 -22.20
N ALA A 198 -4.35 -5.44 -23.43
CA ALA A 198 -4.72 -4.04 -23.64
C ALA A 198 -5.65 -3.86 -24.82
N TRP A 199 -6.58 -2.93 -24.69
CA TRP A 199 -7.25 -2.38 -25.86
C TRP A 199 -6.75 -0.96 -26.02
N TYR A 200 -6.63 -0.53 -27.27
CA TYR A 200 -6.00 0.74 -27.56
C TYR A 200 -6.68 1.34 -28.78
N HIS A 201 -7.37 2.45 -28.56
CA HIS A 201 -8.19 3.08 -29.60
C HIS A 201 -7.66 4.46 -29.94
N VAL A 202 -7.34 4.67 -31.21
CA VAL A 202 -6.82 5.94 -31.65
C VAL A 202 -7.97 6.83 -32.07
N LEU A 203 -8.12 7.97 -31.41
CA LEU A 203 -9.20 8.88 -31.72
C LEU A 203 -8.76 9.81 -32.84
N LYS A 204 -7.57 10.38 -32.69
CA LYS A 204 -7.05 11.30 -33.69
C LYS A 204 -5.57 11.04 -33.95
N GLY A 205 -5.17 11.14 -35.22
CA GLY A 205 -3.80 10.91 -35.61
C GLY A 205 -3.51 9.44 -35.89
N GLU A 206 -2.28 9.03 -35.63
CA GLU A 206 -1.96 7.61 -35.73
C GLU A 206 -0.79 7.24 -34.84
N LYS A 207 -0.68 5.94 -34.57
CA LYS A 207 0.27 5.42 -33.60
C LYS A 207 0.87 4.17 -34.23
N THR A 208 2.20 4.09 -34.27
CA THR A 208 2.83 2.89 -34.79
C THR A 208 3.33 1.97 -33.68
N PHE A 209 2.91 0.71 -33.72
CA PHE A 209 3.37 -0.28 -32.74
C PHE A 209 4.41 -1.18 -33.37
N TYR A 210 5.45 -1.47 -32.60
CA TYR A 210 6.46 -2.45 -32.99
C TYR A 210 6.32 -3.61 -32.01
N LEU A 211 5.90 -4.75 -32.53
CA LEU A 211 5.40 -5.83 -31.70
C LEU A 211 6.32 -7.06 -31.74
N ILE A 212 6.65 -7.58 -30.57
CA ILE A 212 7.52 -8.74 -30.43
C ILE A 212 6.80 -9.82 -29.65
N ARG A 213 6.72 -11.01 -30.25
CA ARG A 213 6.05 -12.15 -29.63
CA ARG A 213 6.04 -12.14 -29.61
C ARG A 213 6.75 -12.59 -28.34
N PRO A 214 5.98 -12.92 -27.31
CA PRO A 214 6.59 -13.35 -26.05
C PRO A 214 7.00 -14.84 -26.03
N ALA A 215 7.75 -15.25 -27.05
CA ALA A 215 8.40 -16.57 -27.02
C ALA A 215 9.38 -16.58 -25.84
N SER A 216 9.62 -17.74 -25.27
CA SER A 216 10.38 -17.80 -24.06
C SER A 216 11.72 -17.06 -24.10
N ALA A 217 12.52 -17.28 -25.12
CA ALA A 217 13.81 -16.60 -25.26
C ALA A 217 13.71 -15.08 -25.38
N ASN A 218 12.70 -14.62 -26.07
CA ASN A 218 12.41 -13.22 -26.19
C ASN A 218 12.15 -12.57 -24.85
N ILE A 219 11.34 -13.19 -24.02
CA ILE A 219 11.12 -12.69 -22.67
C ILE A 219 12.41 -12.65 -21.85
N SER A 220 13.24 -13.67 -21.94
CA SER A 220 14.48 -13.68 -21.25
CA SER A 220 14.50 -13.75 -21.32
C SER A 220 15.42 -12.57 -21.74
N LEU A 221 15.53 -12.41 -23.02
CA LEU A 221 16.28 -11.33 -23.59
C LEU A 221 15.74 -9.99 -23.11
N TYR A 222 14.43 -9.84 -23.11
CA TYR A 222 13.85 -8.58 -22.65
C TYR A 222 14.24 -8.27 -21.20
N GLU A 223 14.22 -9.29 -20.36
CA GLU A 223 14.52 -9.06 -18.94
C GLU A 223 15.97 -8.63 -18.80
N ARG A 224 16.86 -9.29 -19.53
CA ARG A 224 18.27 -8.96 -19.48
CA ARG A 224 18.29 -8.97 -19.51
C ARG A 224 18.56 -7.58 -20.07
N TRP A 225 17.83 -7.21 -21.11
CA TRP A 225 17.98 -5.88 -21.69
C TRP A 225 17.47 -4.81 -20.73
N ARG A 226 16.27 -5.02 -20.20
CA ARG A 226 15.68 -4.00 -19.34
C ARG A 226 16.46 -3.79 -18.04
N SER A 227 17.18 -4.81 -17.60
CA SER A 227 17.95 -4.69 -16.36
C SER A 227 19.35 -4.13 -16.55
N ALA A 228 19.79 -4.02 -17.80
CA ALA A 228 21.14 -3.53 -18.10
C ALA A 228 21.22 -2.02 -17.90
N SER A 229 22.37 -1.57 -17.41
CA SER A 229 22.58 -0.16 -17.12
C SER A 229 22.47 0.69 -18.37
N ASN A 230 22.92 0.16 -19.50
CA ASN A 230 22.92 0.89 -20.75
C ASN A 230 21.74 0.59 -21.68
N HIS A 231 20.59 0.21 -21.12
CA HIS A 231 19.46 -0.22 -21.95
C HIS A 231 18.88 0.89 -22.82
N SER A 232 18.92 2.13 -22.33
CA SER A 232 18.40 3.25 -23.10
C SER A 232 19.33 3.57 -24.26
N GLU A 233 20.42 2.82 -24.36
CA GLU A 233 21.36 3.00 -25.47
C GLU A 233 21.27 1.86 -26.48
N MET A 234 20.36 0.93 -26.25
CA MET A 234 20.25 -0.26 -27.11
C MET A 234 18.85 -0.45 -27.66
N PHE A 235 18.75 -0.62 -28.98
CA PHE A 235 17.49 -0.91 -29.64
C PHE A 235 17.13 -2.38 -29.46
N PHE A 236 16.08 -2.68 -28.69
CA PHE A 236 15.82 -4.07 -28.31
C PHE A 236 15.47 -4.97 -29.49
N ALA A 237 14.79 -4.41 -30.48
CA ALA A 237 14.39 -5.17 -31.67
C ALA A 237 15.58 -5.76 -32.42
N ASP A 238 16.76 -5.19 -32.21
CA ASP A 238 17.98 -5.75 -32.82
C ASP A 238 18.34 -7.14 -32.27
N GLN A 239 17.74 -7.52 -31.16
CA GLN A 239 18.13 -8.76 -30.49
C GLN A 239 17.19 -9.93 -30.78
N VAL A 240 16.09 -9.65 -31.47
CA VAL A 240 15.10 -10.71 -31.69
C VAL A 240 14.95 -11.00 -33.17
N ASP A 241 14.30 -12.11 -33.49
CA ASP A 241 14.16 -12.56 -34.87
C ASP A 241 13.18 -11.69 -35.65
N LYS A 242 12.02 -11.41 -35.06
CA LYS A 242 10.97 -10.70 -35.75
C LYS A 242 10.39 -9.59 -34.86
N CYS A 243 10.38 -8.37 -35.37
CA CYS A 243 9.68 -7.29 -34.69
C CYS A 243 8.69 -6.70 -35.69
N TYR A 244 7.41 -6.88 -35.44
CA TYR A 244 6.39 -6.57 -36.43
C TYR A 244 5.88 -5.13 -36.34
N LYS A 245 5.78 -4.46 -37.48
CA LYS A 245 5.31 -3.07 -37.50
C LYS A 245 3.80 -3.04 -37.74
N CYS A 246 3.06 -2.41 -36.85
CA CYS A 246 1.63 -2.29 -37.03
C CYS A 246 1.17 -0.84 -36.85
N ILE A 247 0.62 -0.25 -37.90
CA ILE A 247 0.13 1.12 -37.84
C ILE A 247 -1.33 1.14 -37.46
N VAL A 248 -1.67 1.88 -36.42
CA VAL A 248 -3.05 1.99 -35.98
C VAL A 248 -3.56 3.40 -36.29
N LYS A 249 -4.54 3.49 -37.19
CA LYS A 249 -5.01 4.80 -37.67
C LYS A 249 -6.26 5.27 -36.94
N GLN A 250 -6.70 6.50 -37.22
CA GLN A 250 -7.86 7.05 -36.55
C GLN A 250 -9.05 6.12 -36.65
N GLY A 251 -9.77 5.95 -35.54
CA GLY A 251 -10.95 5.10 -35.52
C GLY A 251 -10.67 3.63 -35.31
N GLN A 252 -9.41 3.23 -35.45
CA GLN A 252 -9.07 1.82 -35.30
C GLN A 252 -8.75 1.46 -33.84
N THR A 253 -8.95 0.19 -33.48
CA THR A 253 -8.68 -0.30 -32.12
C THR A 253 -7.80 -1.55 -32.18
N LEU A 254 -6.69 -1.55 -31.43
CA LEU A 254 -5.79 -2.69 -31.38
C LEU A 254 -5.93 -3.38 -30.03
N PHE A 255 -5.98 -4.71 -30.05
CA PHE A 255 -6.00 -5.52 -28.84
C PHE A 255 -4.68 -6.26 -28.73
N ILE A 256 -3.96 -6.00 -27.65
CA ILE A 256 -2.64 -6.58 -27.46
C ILE A 256 -2.69 -7.65 -26.39
N PRO A 257 -2.19 -8.86 -26.71
CA PRO A 257 -2.32 -9.97 -25.76
C PRO A 257 -1.28 -9.92 -24.66
N SER A 258 -1.51 -10.77 -23.67
CA SER A 258 -0.62 -10.88 -22.53
C SER A 258 0.83 -11.15 -22.93
N GLY A 259 1.72 -10.36 -22.35
CA GLY A 259 3.14 -10.62 -22.43
C GLY A 259 3.86 -10.06 -23.66
N TRP A 260 3.12 -9.54 -24.62
CA TRP A 260 3.76 -9.00 -25.81
C TRP A 260 4.67 -7.83 -25.48
N ILE A 261 5.86 -7.83 -26.09
CA ILE A 261 6.84 -6.80 -25.84
C ILE A 261 6.74 -5.80 -26.97
N TYR A 262 6.43 -4.54 -26.65
CA TYR A 262 6.22 -3.56 -27.72
C TYR A 262 6.73 -2.18 -27.41
N ALA A 263 7.04 -1.45 -28.47
CA ALA A 263 7.35 -0.03 -28.39
C ALA A 263 6.37 0.70 -29.31
N THR A 264 6.34 2.02 -29.25
CA THR A 264 5.49 2.79 -30.15
C THR A 264 6.22 4.04 -30.62
N LEU A 265 5.81 4.53 -31.78
CA LEU A 265 6.34 5.77 -32.34
C LEU A 265 5.11 6.53 -32.80
N THR A 266 5.11 7.84 -32.56
CA THR A 266 3.96 8.66 -32.93
C THR A 266 4.37 9.52 -34.13
N PRO A 267 3.81 9.23 -35.31
CA PRO A 267 4.23 9.91 -36.55
C PRO A 267 3.60 11.28 -36.67
N VAL A 268 2.41 11.44 -36.11
CA VAL A 268 1.71 12.73 -36.09
C VAL A 268 1.07 12.89 -34.72
N ASP A 269 0.72 14.12 -34.35
CA ASP A 269 0.10 14.37 -33.06
C ASP A 269 -1.03 13.36 -32.88
N CYS A 270 -1.07 12.69 -31.74
CA CYS A 270 -2.03 11.59 -31.51
C CYS A 270 -2.77 11.74 -30.18
N LEU A 271 -4.07 11.46 -30.21
CA LEU A 271 -4.88 11.36 -29.00
C LEU A 271 -5.58 9.99 -29.03
N ALA A 272 -5.42 9.22 -27.95
CA ALA A 272 -5.92 7.85 -27.92
C ALA A 272 -6.46 7.47 -26.54
N PHE A 273 -7.25 6.41 -26.48
CA PHE A 273 -7.73 5.89 -25.21
C PHE A 273 -7.34 4.43 -25.10
N ALA A 274 -7.06 3.96 -23.88
CA ALA A 274 -6.68 2.56 -23.70
C ALA A 274 -7.10 2.06 -22.31
N GLY A 275 -7.09 0.74 -22.14
CA GLY A 275 -7.32 0.16 -20.82
C GLY A 275 -6.59 -1.16 -20.73
N HIS A 276 -6.40 -1.64 -19.52
CA HIS A 276 -5.66 -2.88 -19.30
C HIS A 276 -6.49 -3.87 -18.49
N PHE A 277 -6.31 -5.15 -18.79
CA PHE A 277 -7.10 -6.18 -18.13
C PHE A 277 -6.40 -7.53 -18.06
N LEU A 278 -6.83 -8.34 -17.11
CA LEU A 278 -6.35 -9.72 -16.96
C LEU A 278 -7.48 -10.63 -17.33
N HIS A 279 -7.16 -11.83 -17.80
CA HIS A 279 -8.20 -12.76 -18.23
C HIS A 279 -7.72 -14.20 -18.13
N SER A 280 -8.66 -15.11 -18.31
CA SER A 280 -8.38 -16.51 -18.02
C SER A 280 -7.61 -17.26 -19.10
N LEU A 281 -7.39 -16.62 -20.25
CA LEU A 281 -6.70 -17.30 -21.35
C LEU A 281 -5.19 -17.18 -21.25
N SER A 282 -4.71 -16.37 -20.33
CA SER A 282 -3.27 -16.14 -20.24
C SER A 282 -2.77 -16.12 -18.80
N VAL A 283 -3.30 -17.03 -17.98
CA VAL A 283 -2.88 -17.14 -16.59
C VAL A 283 -1.37 -17.36 -16.50
N GLU A 284 -0.84 -18.26 -17.32
CA GLU A 284 0.58 -18.56 -17.28
C GLU A 284 1.42 -17.34 -17.63
N MET A 285 1.10 -16.72 -18.76
CA MET A 285 1.87 -15.58 -19.23
C MET A 285 1.75 -14.41 -18.24
N GLN A 286 0.55 -14.20 -17.70
CA GLN A 286 0.36 -13.15 -16.69
C GLN A 286 1.30 -13.32 -15.50
N MET A 287 1.40 -14.54 -14.96
CA MET A 287 2.32 -14.81 -13.87
C MET A 287 3.79 -14.67 -14.26
N ARG A 288 4.15 -15.18 -15.43
CA ARG A 288 5.50 -15.01 -15.94
C ARG A 288 5.91 -13.53 -16.03
N ALA A 289 5.07 -12.71 -16.64
CA ALA A 289 5.35 -11.28 -16.73
C ALA A 289 5.49 -10.66 -15.34
N TYR A 290 4.58 -11.03 -14.44
CA TYR A 290 4.63 -10.51 -13.08
C TYR A 290 5.94 -10.87 -12.38
N GLU A 291 6.38 -12.11 -12.56
CA GLU A 291 7.66 -12.56 -12.00
C GLU A 291 8.83 -11.76 -12.57
N VAL A 292 8.79 -11.51 -13.88
CA VAL A 292 9.83 -10.71 -14.50
C VAL A 292 9.85 -9.31 -13.90
N GLU A 293 8.67 -8.69 -13.81
CA GLU A 293 8.66 -7.31 -13.37
C GLU A 293 9.05 -7.17 -11.90
N ARG A 294 8.77 -8.22 -11.11
CA ARG A 294 9.19 -8.24 -9.71
C ARG A 294 10.70 -8.35 -9.59
N ARG A 295 11.33 -9.14 -10.45
CA ARG A 295 12.79 -9.24 -10.47
C ARG A 295 13.46 -7.96 -10.92
N LEU A 296 12.80 -7.21 -11.81
CA LEU A 296 13.37 -5.98 -12.33
C LEU A 296 13.32 -4.82 -11.33
N LYS A 297 12.32 -4.83 -10.45
CA LYS A 297 12.21 -3.82 -9.38
C LYS A 297 12.22 -2.40 -9.93
N LEU A 298 11.34 -2.13 -10.89
CA LEU A 298 11.31 -0.83 -11.52
C LEU A 298 10.54 0.22 -10.71
N GLY A 299 9.82 -0.23 -9.68
CA GLY A 299 8.99 0.66 -8.87
C GLY A 299 8.17 1.57 -9.75
N SER A 300 7.61 1.00 -10.81
CA SER A 300 6.96 1.76 -11.89
C SER A 300 5.86 2.72 -11.42
N LEU A 301 5.48 3.62 -12.33
CA LEU A 301 4.33 4.49 -12.12
C LEU A 301 3.17 3.93 -12.93
N THR A 302 3.47 2.86 -13.68
CA THR A 302 2.48 2.23 -14.55
C THR A 302 2.17 0.81 -14.08
N GLN A 303 2.65 0.46 -12.89
CA GLN A 303 2.40 -0.87 -12.33
C GLN A 303 0.91 -1.16 -12.22
N PHE A 304 0.54 -2.43 -12.38
CA PHE A 304 -0.83 -2.88 -12.23
C PHE A 304 -1.12 -3.02 -10.74
N PRO A 305 -1.84 -2.03 -10.15
CA PRO A 305 -2.10 -2.05 -8.71
C PRO A 305 -2.96 -3.23 -8.30
N ASN A 306 -2.64 -3.84 -7.17
CA ASN A 306 -3.40 -4.97 -6.67
C ASN A 306 -3.56 -6.13 -7.64
N PHE A 307 -2.54 -6.38 -8.46
CA PHE A 307 -2.49 -7.57 -9.30
C PHE A 307 -2.74 -8.83 -8.45
N GLU A 308 -2.05 -8.95 -7.32
CA GLU A 308 -2.21 -10.14 -6.50
C GLU A 308 -3.67 -10.29 -6.04
N THR A 309 -4.28 -9.16 -5.70
CA THR A 309 -5.64 -9.15 -5.21
C THR A 309 -6.60 -9.68 -6.27
N ALA A 310 -6.39 -9.28 -7.52
CA ALA A 310 -7.20 -9.79 -8.61
C ALA A 310 -7.02 -11.31 -8.74
N CYS A 311 -5.79 -11.79 -8.54
CA CYS A 311 -5.54 -13.24 -8.58
C CYS A 311 -6.27 -13.99 -7.43
N TRP A 312 -6.29 -13.40 -6.23
CA TRP A 312 -7.00 -13.99 -5.10
C TRP A 312 -8.48 -14.18 -5.38
N TYR A 313 -9.13 -13.13 -5.90
CA TYR A 313 -10.54 -13.21 -6.26
C TYR A 313 -10.78 -14.21 -7.41
N MET A 314 -9.84 -14.29 -8.36
CA MET A 314 -9.95 -15.31 -9.40
C MET A 314 -9.92 -16.68 -8.75
N GLY A 315 -9.03 -16.84 -7.77
CA GLY A 315 -8.88 -18.08 -7.04
C GLY A 315 -10.14 -18.50 -6.30
N LYS A 316 -10.81 -17.56 -5.67
CA LYS A 316 -12.08 -17.84 -5.02
C LYS A 316 -13.12 -18.24 -6.06
N HIS A 317 -13.14 -17.53 -7.18
CA HIS A 317 -14.04 -17.89 -8.26
C HIS A 317 -13.84 -19.32 -8.76
N LEU A 318 -12.58 -19.71 -8.99
CA LEU A 318 -12.28 -21.05 -9.44
C LEU A 318 -12.80 -22.10 -8.45
N LEU A 319 -12.59 -21.86 -7.16
CA LEU A 319 -13.06 -22.81 -6.16
C LEU A 319 -14.56 -22.94 -6.22
N GLU A 320 -15.26 -21.82 -6.44
CA GLU A 320 -16.70 -21.87 -6.59
C GLU A 320 -17.09 -22.67 -7.82
N ALA A 321 -16.43 -22.40 -8.94
CA ALA A 321 -16.70 -23.13 -10.18
C ALA A 321 -16.52 -24.64 -10.01
N PHE A 322 -15.43 -25.05 -9.37
CA PHE A 322 -15.17 -26.46 -9.10
C PHE A 322 -16.30 -27.07 -8.29
N LYS A 323 -16.70 -26.40 -7.22
CA LYS A 323 -17.83 -26.87 -6.43
C LYS A 323 -19.06 -27.00 -7.32
N GLY A 324 -19.21 -26.08 -8.26
CA GLY A 324 -20.35 -26.07 -9.15
C GLY A 324 -20.27 -27.15 -10.20
N SER A 325 -19.09 -27.72 -10.39
CA SER A 325 -18.90 -28.81 -11.34
C SER A 325 -19.36 -30.13 -10.73
N HIS A 326 -19.47 -30.15 -9.41
CA HIS A 326 -19.92 -31.34 -8.70
C HIS A 326 -21.44 -31.46 -8.70
N LYS A 327 -22.13 -30.33 -8.82
CA LYS A 327 -23.59 -30.35 -8.83
C LYS A 327 -24.13 -30.71 -10.21
N SER A 328 -23.30 -30.52 -11.23
CA SER A 328 -23.73 -30.78 -12.61
C SER A 328 -23.07 -32.02 -13.20
N GLY A 329 -21.95 -32.41 -12.60
CA GLY A 329 -21.17 -33.50 -13.15
C GLY A 329 -20.44 -33.07 -14.41
N LYS A 330 -20.44 -31.76 -14.66
CA LYS A 330 -19.75 -31.19 -15.81
C LYS A 330 -18.40 -30.62 -15.42
N GLN A 331 -17.32 -31.20 -15.93
CA GLN A 331 -15.98 -30.75 -15.56
C GLN A 331 -15.65 -29.38 -16.14
N LEU A 332 -14.78 -28.65 -15.45
CA LEU A 332 -14.28 -27.36 -15.94
C LEU A 332 -13.35 -27.61 -17.12
N PRO A 333 -13.28 -26.65 -18.06
CA PRO A 333 -12.33 -26.73 -19.17
C PRO A 333 -10.89 -26.86 -18.68
N PRO A 334 -10.04 -27.49 -19.48
CA PRO A 334 -8.66 -27.79 -19.08
C PRO A 334 -7.85 -26.54 -18.77
N HIS A 335 -8.11 -25.46 -19.50
CA HIS A 335 -7.32 -24.24 -19.31
C HIS A 335 -7.60 -23.60 -17.94
N LEU A 336 -8.82 -23.75 -17.44
CA LEU A 336 -9.14 -23.29 -16.08
C LEU A 336 -8.47 -24.16 -15.02
N VAL A 337 -8.50 -25.47 -15.23
CA VAL A 337 -7.89 -26.37 -14.28
C VAL A 337 -6.39 -26.10 -14.22
N GLN A 338 -5.77 -25.92 -15.38
CA GLN A 338 -4.37 -25.52 -15.44
C GLN A 338 -4.16 -24.12 -14.83
N GLY A 339 -5.11 -23.23 -15.07
CA GLY A 339 -5.07 -21.89 -14.49
C GLY A 339 -5.10 -21.96 -12.97
N ALA A 340 -5.93 -22.86 -12.46
CA ALA A 340 -6.00 -23.11 -11.02
C ALA A 340 -4.66 -23.57 -10.47
N LYS A 341 -4.00 -24.47 -11.17
CA LYS A 341 -2.72 -24.99 -10.69
C LYS A 341 -1.69 -23.87 -10.58
N ILE A 342 -1.65 -23.02 -11.60
CA ILE A 342 -0.70 -21.91 -11.65
C ILE A 342 -0.98 -20.89 -10.55
N LEU A 343 -2.25 -20.52 -10.41
CA LEU A 343 -2.64 -19.60 -9.34
C LEU A 343 -2.35 -20.19 -7.98
N ASN A 344 -2.70 -21.46 -7.77
CA ASN A 344 -2.50 -22.05 -6.46
C ASN A 344 -1.01 -22.08 -6.10
N GLY A 345 -0.17 -22.31 -7.09
CA GLY A 345 1.26 -22.20 -6.89
C GLY A 345 1.66 -20.80 -6.44
N ALA A 346 1.07 -19.78 -7.05
CA ALA A 346 1.33 -18.41 -6.63
C ALA A 346 0.87 -18.20 -5.19
N PHE A 347 -0.37 -18.60 -4.88
CA PHE A 347 -0.90 -18.36 -3.54
C PHE A 347 0.05 -18.95 -2.49
N ARG A 348 0.58 -20.14 -2.76
CA ARG A 348 1.49 -20.80 -1.82
C ARG A 348 2.73 -19.95 -1.59
N SER A 349 3.32 -19.48 -2.68
CA SER A 349 4.55 -18.69 -2.60
C SER A 349 4.32 -17.34 -1.92
N TRP A 350 3.12 -16.79 -2.08
CA TRP A 350 2.78 -15.50 -1.46
C TRP A 350 2.49 -15.62 0.03
N THR A 351 2.22 -16.82 0.51
CA THR A 351 1.79 -16.96 1.90
C THR A 351 2.71 -17.83 2.75
N LYS A 352 3.82 -18.30 2.19
CA LYS A 352 4.82 -18.98 2.98
C LYS A 352 5.27 -17.98 4.04
N LYS A 353 5.36 -18.40 5.29
CA LYS A 353 5.62 -17.44 6.37
C LYS A 353 6.84 -16.56 6.06
N GLN A 354 7.81 -17.12 5.35
CA GLN A 354 8.96 -16.34 4.89
C GLN A 354 8.53 -15.19 3.95
N ALA A 355 7.23 -15.10 3.69
CA ALA A 355 6.71 -14.20 2.66
C ALA A 355 5.56 -13.28 3.10
N LEU A 356 4.65 -13.80 3.93
CA LEU A 356 3.43 -13.07 4.29
C LEU A 356 3.63 -11.56 4.27
N ALA A 357 4.23 -11.03 5.32
CA ALA A 357 4.46 -9.59 5.47
C ALA A 357 4.05 -8.72 4.28
N GLU A 358 4.85 -8.74 3.21
CA GLU A 358 4.63 -7.83 2.09
C GLU A 358 3.42 -8.19 1.23
N HIS A 359 3.09 -9.49 1.16
CA HIS A 359 2.00 -9.94 0.29
C HIS A 359 0.63 -9.86 0.97
N GLU A 360 0.60 -9.80 2.29
CA GLU A 360 -0.69 -9.81 3.00
C GLU A 360 -1.49 -8.54 2.76
N ASP A 361 -0.79 -7.47 2.36
CA ASP A 361 -1.43 -6.19 2.15
C ASP A 361 -2.39 -6.26 0.97
N GLU A 362 -2.24 -7.26 0.11
CA GLU A 362 -3.08 -7.41 -1.07
C GLU A 362 -4.16 -8.46 -0.90
N LEU A 363 -4.19 -9.12 0.26
CA LEU A 363 -5.19 -10.15 0.51
C LEU A 363 -6.55 -9.51 0.83
N PRO A 364 -7.61 -9.97 0.15
CA PRO A 364 -8.93 -9.37 0.41
C PRO A 364 -9.46 -9.77 1.78
N GLU A 365 -10.31 -8.93 2.35
CA GLU A 365 -10.96 -9.26 3.62
C GLU A 365 -11.67 -10.62 3.57
N HIS A 366 -11.57 -11.33 4.69
CA HIS A 366 -12.30 -12.58 4.90
C HIS A 366 -11.73 -13.77 4.14
N PHE A 367 -10.53 -13.60 3.59
CA PHE A 367 -9.84 -14.69 2.92
C PHE A 367 -9.05 -15.50 3.94
N LYS A 368 -9.11 -16.82 3.81
CA LYS A 368 -8.30 -17.73 4.59
C LYS A 368 -7.41 -18.50 3.62
N PRO A 369 -6.23 -17.95 3.34
CA PRO A 369 -5.34 -18.46 2.29
C PRO A 369 -5.03 -19.95 2.42
N SER A 370 -4.66 -20.42 3.61
CA SER A 370 -4.29 -21.82 3.74
C SER A 370 -5.48 -22.75 3.43
N GLN A 371 -6.70 -22.34 3.79
CA GLN A 371 -7.89 -23.12 3.43
C GLN A 371 -8.18 -23.10 1.93
N LEU A 372 -8.09 -21.92 1.32
CA LEU A 372 -8.29 -21.80 -0.13
C LEU A 372 -7.33 -22.71 -0.89
N ILE A 373 -6.05 -22.63 -0.53
CA ILE A 373 -5.04 -23.41 -1.19
C ILE A 373 -5.33 -24.90 -1.05
N LYS A 374 -5.72 -25.34 0.15
CA LYS A 374 -6.01 -26.75 0.36
C LYS A 374 -7.24 -27.17 -0.44
N ASP A 375 -8.28 -26.33 -0.44
CA ASP A 375 -9.50 -26.65 -1.17
C ASP A 375 -9.29 -26.67 -2.68
N LEU A 376 -8.50 -25.73 -3.19
CA LEU A 376 -8.19 -25.73 -4.61
C LEU A 376 -7.37 -26.96 -4.99
N ALA A 377 -6.39 -27.30 -4.16
CA ALA A 377 -5.56 -28.48 -4.41
C ALA A 377 -6.39 -29.74 -4.51
N LYS A 378 -7.30 -29.92 -3.54
CA LYS A 378 -8.20 -31.07 -3.56
C LYS A 378 -9.06 -31.09 -4.83
N GLU A 379 -9.74 -29.99 -5.10
CA GLU A 379 -10.60 -29.89 -6.27
C GLU A 379 -9.86 -30.24 -7.57
N ILE A 380 -8.59 -29.86 -7.66
CA ILE A 380 -7.79 -30.12 -8.85
C ILE A 380 -7.49 -31.60 -8.94
N ARG A 381 -7.10 -32.20 -7.81
CA ARG A 381 -6.90 -33.65 -7.75
C ARG A 381 -8.13 -34.38 -8.27
N LEU A 382 -9.31 -33.96 -7.83
CA LEU A 382 -10.57 -34.60 -8.23
C LEU A 382 -10.87 -34.40 -9.72
N SER A 383 -10.57 -33.22 -10.23
CA SER A 383 -10.78 -32.92 -11.64
C SER A 383 -9.88 -33.80 -12.50
N GLU A 384 -8.58 -33.81 -12.18
CA GLU A 384 -7.65 -34.68 -12.87
C GLU A 384 -8.17 -36.12 -12.87
N ASN A 385 -8.77 -36.50 -11.74
CA ASN A 385 -9.27 -37.84 -11.49
C ASN A 385 -8.23 -38.70 -10.77
N GLN B 24 -20.55 -9.96 26.33
CA GLN B 24 -19.82 -8.69 26.37
C GLN B 24 -18.32 -8.90 26.55
N ASN B 25 -17.52 -8.27 25.69
CA ASN B 25 -16.06 -8.32 25.79
C ASN B 25 -15.55 -7.88 27.17
N GLY B 26 -14.79 -8.76 27.82
CA GLY B 26 -14.28 -8.46 29.15
C GLY B 26 -15.03 -9.19 30.27
N SER B 27 -16.18 -9.78 29.93
CA SER B 27 -16.98 -10.54 30.89
C SER B 27 -16.28 -11.84 31.31
N GLN B 28 -16.82 -12.49 32.33
CA GLN B 28 -16.25 -13.74 32.85
C GLN B 28 -16.26 -14.87 31.82
N LEU B 29 -17.40 -15.05 31.15
CA LEU B 29 -17.53 -16.08 30.13
C LEU B 29 -16.56 -15.82 28.98
N PHE B 30 -16.39 -14.55 28.64
CA PHE B 30 -15.47 -14.12 27.58
C PHE B 30 -14.04 -14.56 27.89
N ILE B 31 -13.47 -13.99 28.94
CA ILE B 31 -12.11 -14.35 29.36
C ILE B 31 -11.92 -15.86 29.39
N LYS B 32 -12.89 -16.56 29.99
CA LYS B 32 -12.84 -18.01 30.08
C LYS B 32 -12.79 -18.66 28.70
N GLU B 33 -13.65 -18.18 27.80
CA GLU B 33 -13.66 -18.69 26.44
C GLU B 33 -12.35 -18.37 25.74
N LEU B 34 -11.89 -17.12 25.91
CA LEU B 34 -10.64 -16.65 25.32
C LEU B 34 -9.44 -17.48 25.76
N ARG B 35 -9.35 -17.75 27.07
CA ARG B 35 -8.23 -18.50 27.62
C ARG B 35 -8.18 -19.90 27.02
N SER B 36 -9.34 -20.42 26.64
CA SER B 36 -9.44 -21.76 26.08
C SER B 36 -9.48 -21.76 24.56
N ARG B 37 -9.08 -20.65 23.95
CA ARG B 37 -9.13 -20.53 22.49
C ARG B 37 -7.76 -20.69 21.82
N THR B 38 -7.77 -21.17 20.58
CA THR B 38 -6.53 -21.46 19.85
C THR B 38 -6.14 -20.36 18.87
N PHE B 39 -4.93 -19.85 19.02
CA PHE B 39 -4.41 -18.80 18.16
C PHE B 39 -3.08 -19.24 17.58
N PRO B 40 -2.76 -18.77 16.36
CA PRO B 40 -1.42 -19.06 15.88
C PRO B 40 -0.40 -18.44 16.83
N SER B 41 0.72 -19.14 17.04
CA SER B 41 1.80 -18.62 17.87
C SER B 41 2.44 -17.40 17.22
N ALA B 42 2.94 -16.50 18.04
CA ALA B 42 3.63 -15.30 17.56
C ALA B 42 5.05 -15.60 17.09
N GLU B 43 5.43 -16.88 17.21
CA GLU B 43 6.76 -17.36 16.84
C GLU B 43 7.22 -16.96 15.42
N ASP B 44 6.32 -17.07 14.45
CA ASP B 44 6.64 -16.78 13.06
C ASP B 44 6.71 -15.28 12.72
N VAL B 45 6.28 -14.44 13.65
CA VAL B 45 6.08 -13.02 13.36
C VAL B 45 6.88 -12.10 14.27
N VAL B 46 6.95 -12.45 15.55
CA VAL B 46 7.68 -11.64 16.52
C VAL B 46 9.11 -12.14 16.68
N ALA B 47 10.07 -11.29 16.32
CA ALA B 47 11.48 -11.65 16.43
C ALA B 47 11.98 -11.50 17.86
N ARG B 48 12.75 -12.48 18.33
CA ARG B 48 13.42 -12.37 19.62
C ARG B 48 14.81 -11.83 19.37
N VAL B 49 15.12 -10.69 19.98
CA VAL B 49 16.37 -9.99 19.71
C VAL B 49 17.02 -9.51 21.00
N PRO B 50 18.35 -9.71 21.13
CA PRO B 50 19.05 -9.16 22.30
C PRO B 50 19.10 -7.64 22.26
N GLY B 51 19.03 -7.02 23.42
CA GLY B 51 18.96 -5.57 23.53
C GLY B 51 20.04 -4.87 22.73
N SER B 52 21.25 -5.41 22.81
CA SER B 52 22.40 -4.79 22.15
C SER B 52 22.30 -4.78 20.62
N GLN B 53 21.42 -5.60 20.06
CA GLN B 53 21.31 -5.67 18.61
C GLN B 53 20.29 -4.67 18.05
N LEU B 54 19.34 -4.27 18.88
CA LEU B 54 18.32 -3.31 18.47
CA LEU B 54 18.33 -3.30 18.46
C LEU B 54 18.92 -1.91 18.29
N THR B 55 19.54 -1.69 17.15
CA THR B 55 20.19 -0.43 16.83
C THR B 55 19.45 0.29 15.71
N LEU B 56 19.90 1.48 15.36
CA LEU B 56 19.31 2.20 14.24
C LEU B 56 19.50 1.39 12.96
N GLY B 57 20.66 0.76 12.85
CA GLY B 57 20.95 -0.12 11.73
C GLY B 57 19.94 -1.24 11.59
N TYR B 58 19.78 -2.03 12.64
CA TYR B 58 18.77 -3.08 12.64
C TYR B 58 17.41 -2.58 12.16
N MET B 59 16.94 -1.47 12.74
CA MET B 59 15.64 -0.91 12.38
C MET B 59 15.56 -0.53 10.92
N GLU B 60 16.59 0.15 10.44
CA GLU B 60 16.62 0.57 9.05
C GLU B 60 16.66 -0.65 8.14
N GLU B 61 17.41 -1.67 8.55
CA GLU B 61 17.52 -2.89 7.76
C GLU B 61 16.15 -3.54 7.62
N HIS B 62 15.50 -3.83 8.75
CA HIS B 62 14.24 -4.57 8.74
C HIS B 62 12.99 -3.70 8.58
N GLY B 63 13.11 -2.40 8.81
CA GLY B 63 12.01 -1.47 8.57
C GLY B 63 10.94 -1.39 9.65
N PHE B 64 11.17 -2.04 10.78
CA PHE B 64 10.21 -2.05 11.90
C PHE B 64 8.78 -2.31 11.44
N THR B 65 8.57 -3.41 10.73
CA THR B 65 7.24 -3.79 10.25
C THR B 65 6.62 -4.88 11.10
N GLU B 66 7.42 -5.54 11.93
CA GLU B 66 6.93 -6.61 12.80
C GLU B 66 7.35 -6.38 14.24
N PRO B 67 6.55 -6.86 15.19
CA PRO B 67 6.90 -6.64 16.60
C PRO B 67 8.21 -7.31 16.94
N ILE B 68 8.87 -6.78 17.97
CA ILE B 68 10.15 -7.29 18.44
C ILE B 68 10.09 -7.55 19.94
N LEU B 69 10.41 -8.78 20.33
CA LEU B 69 10.50 -9.14 21.75
C LEU B 69 11.95 -9.20 22.20
N VAL B 70 12.27 -8.43 23.24
CA VAL B 70 13.61 -8.42 23.82
C VAL B 70 13.55 -9.08 25.21
N PRO B 71 13.89 -10.38 25.27
CA PRO B 71 13.71 -11.21 26.46
C PRO B 71 14.37 -10.63 27.70
N LYS B 72 15.55 -10.03 27.55
CA LYS B 72 16.29 -9.48 28.69
C LYS B 72 16.65 -8.05 28.39
N LYS B 73 16.69 -7.19 29.40
CA LYS B 73 16.81 -5.76 29.11
C LYS B 73 18.25 -5.30 28.84
N ASP B 74 19.22 -6.15 29.13
CA ASP B 74 20.63 -5.83 28.87
C ASP B 74 20.81 -5.19 27.50
N GLY B 75 21.45 -4.02 27.45
CA GLY B 75 21.77 -3.41 26.19
C GLY B 75 20.73 -2.43 25.65
N LEU B 76 19.55 -2.41 26.25
CA LEU B 76 18.48 -1.53 25.78
C LEU B 76 18.63 -0.10 26.28
N GLY B 77 19.39 0.09 27.35
CA GLY B 77 19.50 1.41 27.95
C GLY B 77 18.22 1.76 28.68
N LEU B 78 17.39 0.74 28.88
CA LEU B 78 16.14 0.91 29.59
C LEU B 78 16.39 1.05 31.09
N ALA B 79 15.89 2.13 31.69
CA ALA B 79 15.95 2.25 33.14
C ALA B 79 14.56 2.04 33.72
N VAL B 80 14.45 1.03 34.57
CA VAL B 80 13.22 0.77 35.32
C VAL B 80 13.60 0.39 36.75
N PRO B 81 12.64 0.52 37.69
CA PRO B 81 12.93 0.08 39.06
C PRO B 81 13.03 -1.42 39.15
N ALA B 82 13.62 -1.94 40.22
CA ALA B 82 13.70 -3.38 40.44
C ALA B 82 12.31 -3.99 40.62
N PRO B 83 12.17 -5.31 40.41
CA PRO B 83 10.88 -5.98 40.55
C PRO B 83 10.33 -5.88 41.96
N THR B 84 11.18 -5.48 42.91
CA THR B 84 10.73 -5.19 44.27
C THR B 84 10.11 -3.80 44.35
N PHE B 85 9.53 -3.36 43.24
CA PHE B 85 8.79 -2.11 43.20
C PHE B 85 7.34 -2.51 43.04
N TYR B 86 6.48 -2.06 43.95
CA TYR B 86 5.09 -2.51 43.95
C TYR B 86 4.09 -1.40 43.69
N VAL B 87 2.83 -1.79 43.55
CA VAL B 87 1.75 -0.85 43.37
C VAL B 87 1.70 0.14 44.52
N SER B 88 1.93 -0.33 45.75
CA SER B 88 1.95 0.58 46.88
C SER B 88 3.02 1.64 46.69
N ASP B 89 4.14 1.27 46.08
CA ASP B 89 5.19 2.26 45.79
C ASP B 89 4.74 3.22 44.69
N VAL B 90 4.01 2.70 43.70
CA VAL B 90 3.49 3.57 42.66
C VAL B 90 2.70 4.69 43.33
N GLU B 91 1.85 4.33 44.29
CA GLU B 91 1.04 5.30 44.99
C GLU B 91 1.90 6.37 45.67
N ASN B 92 2.97 5.94 46.32
CA ASN B 92 3.84 6.89 47.02
C ASN B 92 4.52 7.89 46.09
N TYR B 93 4.98 7.43 44.93
CA TYR B 93 5.74 8.31 44.05
C TYR B 93 4.90 9.10 43.05
N VAL B 94 3.73 8.58 42.70
CA VAL B 94 2.81 9.30 41.83
C VAL B 94 1.99 10.30 42.64
N GLY B 95 1.52 9.84 43.80
CA GLY B 95 0.73 10.68 44.69
C GLY B 95 -0.65 10.07 44.92
N PRO B 96 -0.98 9.78 46.17
CA PRO B 96 -2.27 9.13 46.44
C PRO B 96 -3.48 9.97 46.00
N GLU B 97 -3.29 11.27 45.83
CA GLU B 97 -4.42 12.14 45.48
C GLU B 97 -4.64 12.25 43.98
N ARG B 98 -3.58 12.02 43.21
CA ARG B 98 -3.64 12.01 41.75
C ARG B 98 -4.89 11.35 41.18
N SER B 99 -5.67 12.09 40.38
CA SER B 99 -6.81 11.51 39.70
C SER B 99 -6.34 10.59 38.56
N VAL B 100 -6.93 9.41 38.46
CA VAL B 100 -6.54 8.43 37.44
C VAL B 100 -7.77 7.89 36.76
N ASP B 101 -7.63 7.56 35.48
CA ASP B 101 -8.70 6.92 34.73
C ASP B 101 -8.68 5.43 35.01
N VAL B 102 -9.82 4.91 35.42
CA VAL B 102 -9.92 3.50 35.75
C VAL B 102 -10.90 2.83 34.82
N THR B 103 -10.52 1.67 34.30
CA THR B 103 -11.36 0.96 33.37
C THR B 103 -12.10 -0.15 34.10
N ASP B 104 -13.42 -0.09 34.07
CA ASP B 104 -14.25 -1.19 34.53
C ASP B 104 -14.31 -2.23 33.40
N VAL B 105 -13.39 -3.18 33.42
CA VAL B 105 -13.27 -4.19 32.37
C VAL B 105 -14.59 -4.87 32.06
N THR B 106 -15.34 -5.24 33.09
CA THR B 106 -16.57 -6.00 32.88
C THR B 106 -17.59 -5.19 32.07
N LYS B 107 -17.69 -3.90 32.35
CA LYS B 107 -18.63 -3.00 31.70
C LYS B 107 -18.05 -2.43 30.40
N GLN B 108 -16.72 -2.44 30.30
CA GLN B 108 -16.01 -1.80 29.19
C GLN B 108 -16.28 -0.30 29.12
N LYS B 109 -16.46 0.32 30.29
CA LYS B 109 -16.60 1.77 30.38
C LYS B 109 -15.63 2.31 31.41
N ASP B 110 -15.23 3.57 31.26
CA ASP B 110 -14.24 4.17 32.15
C ASP B 110 -14.84 5.06 33.25
N CYS B 111 -14.04 5.35 34.27
CA CYS B 111 -14.41 6.35 35.29
C CYS B 111 -13.16 6.96 35.92
N LYS B 112 -13.35 8.02 36.70
CA LYS B 112 -12.26 8.67 37.42
C LYS B 112 -12.33 8.32 38.90
N MET B 113 -11.17 8.28 39.54
CA MET B 113 -11.08 8.09 40.98
C MET B 113 -9.66 8.42 41.39
N LYS B 114 -9.44 8.75 42.65
CA LYS B 114 -8.11 9.02 43.16
C LYS B 114 -7.27 7.74 43.19
N LEU B 115 -5.96 7.88 43.05
CA LEU B 115 -5.10 6.70 42.95
C LEU B 115 -5.22 5.86 44.20
N LYS B 116 -5.23 6.51 45.36
CA LYS B 116 -5.32 5.80 46.64
C LYS B 116 -6.55 4.91 46.66
N GLU B 117 -7.63 5.39 46.05
CA GLU B 117 -8.86 4.63 45.91
C GLU B 117 -8.68 3.38 45.07
N PHE B 118 -7.97 3.50 43.96
CA PHE B 118 -7.68 2.33 43.13
C PHE B 118 -6.73 1.37 43.84
N VAL B 119 -5.75 1.93 44.54
CA VAL B 119 -4.83 1.09 45.30
C VAL B 119 -5.55 0.28 46.39
N ASP B 120 -6.51 0.94 47.06
CA ASP B 120 -7.32 0.27 48.07
C ASP B 120 -8.05 -0.93 47.45
N TYR B 121 -8.63 -0.72 46.27
CA TYR B 121 -9.26 -1.81 45.53
C TYR B 121 -8.27 -2.91 45.17
N TYR B 122 -7.12 -2.49 44.66
CA TYR B 122 -6.12 -3.44 44.18
C TYR B 122 -5.71 -4.41 45.27
N TYR B 123 -5.58 -3.90 46.50
CA TYR B 123 -5.09 -4.74 47.59
C TYR B 123 -6.18 -5.51 48.33
N SER B 124 -7.43 -5.37 47.89
CA SER B 124 -8.54 -6.12 48.47
C SER B 124 -8.45 -7.62 48.23
N THR B 125 -9.25 -8.37 48.97
CA THR B 125 -9.33 -9.82 48.83
C THR B 125 -10.68 -10.35 49.35
N ASN B 126 -11.54 -10.77 48.43
CA ASN B 126 -11.22 -10.79 47.02
C ASN B 126 -11.98 -9.72 46.25
N ARG B 127 -11.28 -9.03 45.35
CA ARG B 127 -11.86 -7.96 44.56
C ARG B 127 -13.21 -8.38 43.99
N LYS B 128 -14.17 -7.46 44.05
CA LYS B 128 -15.49 -7.71 43.47
C LYS B 128 -15.47 -7.38 41.98
N ARG B 129 -15.04 -6.18 41.65
CA ARG B 129 -15.00 -5.73 40.26
C ARG B 129 -13.70 -6.11 39.56
N VAL B 130 -13.68 -5.94 38.24
CA VAL B 130 -12.45 -6.12 37.48
C VAL B 130 -12.06 -4.77 36.90
N LEU B 131 -11.08 -4.13 37.53
CA LEU B 131 -10.70 -2.77 37.17
C LEU B 131 -9.20 -2.68 36.86
N ASN B 132 -8.84 -1.86 35.88
CA ASN B 132 -7.42 -1.51 35.77
C ASN B 132 -7.10 -0.07 35.40
N VAL B 133 -5.83 0.27 35.50
CA VAL B 133 -5.31 1.57 35.14
C VAL B 133 -4.38 1.39 33.94
N THR B 134 -4.75 1.91 32.78
CA THR B 134 -3.91 1.73 31.60
C THR B 134 -3.54 3.05 30.92
N ASN B 135 -3.77 4.17 31.62
CA ASN B 135 -3.62 5.50 31.05
C ASN B 135 -2.84 6.45 31.95
N LEU B 136 -2.17 5.91 32.96
CA LEU B 136 -1.43 6.74 33.90
C LEU B 136 -0.08 7.24 33.35
N GLU B 137 -0.04 8.43 32.81
CA GLU B 137 1.22 8.99 32.32
C GLU B 137 1.87 9.74 33.47
N PHE B 138 3.07 9.32 33.88
CA PHE B 138 3.69 9.79 35.13
C PHE B 138 4.93 10.65 34.95
N SER B 139 5.15 11.16 33.73
CA SER B 139 6.33 11.99 33.49
C SER B 139 6.35 13.24 34.37
N ASP B 140 5.18 13.69 34.84
CA ASP B 140 5.09 14.86 35.70
C ASP B 140 5.02 14.53 37.20
N THR B 141 5.62 13.41 37.61
CA THR B 141 5.59 12.99 39.02
C THR B 141 6.97 12.61 39.51
N ARG B 142 7.11 12.40 40.83
CA ARG B 142 8.36 11.93 41.41
C ARG B 142 8.82 10.58 40.81
N MET B 143 7.87 9.78 40.36
CA MET B 143 8.19 8.46 39.83
C MET B 143 8.92 8.53 38.49
N SER B 144 8.87 9.70 37.86
CA SER B 144 9.41 9.86 36.52
C SER B 144 10.89 9.53 36.44
N SER B 145 11.64 9.93 37.45
CA SER B 145 13.09 9.70 37.44
C SER B 145 13.45 8.21 37.55
N PHE B 146 12.47 7.36 37.85
CA PHE B 146 12.74 5.93 38.02
C PHE B 146 12.64 5.16 36.70
N VAL B 147 12.24 5.83 35.63
CA VAL B 147 12.09 5.18 34.33
C VAL B 147 12.69 6.00 33.22
N GLU B 148 13.53 5.37 32.40
CA GLU B 148 14.07 5.99 31.19
C GLU B 148 13.80 5.06 30.01
N PRO B 149 13.22 5.59 28.93
CA PRO B 149 12.91 4.78 27.74
C PRO B 149 14.16 4.15 27.11
N PRO B 150 14.00 3.04 26.38
CA PRO B 150 15.13 2.41 25.68
C PRO B 150 15.85 3.40 24.76
N ASP B 151 17.16 3.28 24.64
CA ASP B 151 17.91 4.13 23.68
C ASP B 151 17.30 4.14 22.28
N ILE B 152 16.89 2.97 21.79
CA ILE B 152 16.38 2.90 20.43
C ILE B 152 15.16 3.78 20.22
N VAL B 153 14.30 3.85 21.23
CA VAL B 153 13.12 4.72 21.18
C VAL B 153 13.50 6.19 21.04
N LYS B 154 14.46 6.63 21.85
CA LYS B 154 14.93 7.99 21.78
C LYS B 154 15.54 8.29 20.43
N LYS B 155 16.22 7.30 19.86
CA LYS B 155 16.91 7.48 18.59
C LYS B 155 15.90 7.62 17.46
N LEU B 156 14.77 6.91 17.57
CA LEU B 156 13.75 6.91 16.52
C LEU B 156 12.72 8.04 16.65
N SER B 157 12.51 8.48 17.89
CA SER B 157 11.42 9.36 18.24
C SER B 157 11.49 10.72 17.54
N TRP B 158 10.44 11.06 16.80
CA TRP B 158 10.34 12.37 16.18
C TRP B 158 10.40 13.47 17.23
N VAL B 159 9.65 13.32 18.31
CA VAL B 159 9.58 14.35 19.34
C VAL B 159 10.97 14.60 19.93
N GLU B 160 11.61 13.52 20.37
CA GLU B 160 12.95 13.59 20.93
C GLU B 160 13.97 14.23 19.97
N ASN B 161 13.83 14.00 18.67
CA ASN B 161 14.83 14.47 17.71
C ASN B 161 14.57 15.86 17.12
N TYR B 162 13.31 16.23 16.95
CA TYR B 162 12.98 17.38 16.11
C TYR B 162 12.16 18.46 16.78
N TRP B 163 11.71 18.19 18.01
CA TRP B 163 10.84 19.13 18.73
C TRP B 163 11.69 19.93 19.72
N PRO B 164 11.85 21.24 19.46
CA PRO B 164 12.79 22.10 20.21
C PRO B 164 12.44 22.14 21.68
N ASP B 165 13.46 22.13 22.55
CA ASP B 165 13.22 22.22 23.98
C ASP B 165 12.55 23.53 24.37
N ASP B 166 12.75 24.57 23.57
CA ASP B 166 12.17 25.87 23.86
C ASP B 166 10.85 26.13 23.13
N ALA B 167 10.28 25.11 22.50
CA ALA B 167 8.99 25.26 21.82
C ALA B 167 7.92 25.84 22.75
N LEU B 168 6.99 26.62 22.19
CA LEU B 168 5.89 27.19 22.98
C LEU B 168 4.76 26.19 23.20
N LEU B 169 4.65 25.18 22.34
CA LEU B 169 3.67 24.12 22.54
C LEU B 169 4.34 22.99 23.33
N ALA B 170 3.61 22.42 24.29
CA ALA B 170 4.17 21.40 25.18
C ALA B 170 4.28 20.05 24.47
N LYS B 171 5.36 19.32 24.76
CA LYS B 171 5.61 18.06 24.09
C LYS B 171 4.50 17.06 24.39
N PRO B 172 4.22 16.16 23.43
CA PRO B 172 3.20 15.12 23.62
C PRO B 172 3.55 14.32 24.87
N LYS B 173 2.62 14.29 25.84
CA LYS B 173 2.87 13.65 27.13
C LYS B 173 2.52 12.18 27.05
N VAL B 174 3.36 11.39 26.40
CA VAL B 174 3.02 10.02 26.10
C VAL B 174 4.22 9.10 26.30
N THR B 175 5.24 9.58 26.98
CA THR B 175 6.53 8.90 26.99
C THR B 175 6.72 7.91 28.14
N LYS B 176 5.87 8.00 29.17
CA LYS B 176 6.02 7.17 30.37
C LYS B 176 4.66 6.83 30.97
N TYR B 177 4.18 5.64 30.68
CA TYR B 177 2.92 5.16 31.22
C TYR B 177 3.18 4.04 32.22
N CYS B 178 2.43 4.04 33.31
CA CYS B 178 2.46 2.92 34.25
C CYS B 178 1.15 2.19 34.06
N LEU B 179 1.20 0.90 33.77
CA LEU B 179 -0.02 0.10 33.64
C LEU B 179 -0.14 -0.88 34.81
N ILE B 180 -1.31 -0.90 35.44
CA ILE B 180 -1.57 -1.83 36.53
C ILE B 180 -2.86 -2.57 36.22
N CYS B 181 -2.76 -3.88 36.01
CA CYS B 181 -3.91 -4.67 35.61
C CYS B 181 -4.10 -5.85 36.56
N VAL B 182 -5.35 -6.12 36.92
CA VAL B 182 -5.65 -7.27 37.75
C VAL B 182 -5.81 -8.55 36.93
N LYS B 183 -5.60 -9.69 37.58
CA LYS B 183 -5.75 -10.99 36.94
C LYS B 183 -7.14 -11.08 36.33
N ASP B 184 -7.22 -11.65 35.13
CA ASP B 184 -8.50 -11.81 34.44
C ASP B 184 -9.06 -10.50 33.93
N SER B 185 -8.17 -9.56 33.60
CA SER B 185 -8.62 -8.34 32.95
C SER B 185 -8.21 -8.41 31.49
N TYR B 186 -8.69 -7.43 30.72
CA TYR B 186 -8.68 -7.50 29.26
C TYR B 186 -8.78 -6.11 28.69
N THR B 187 -7.97 -5.82 27.67
CA THR B 187 -8.12 -4.62 26.88
C THR B 187 -8.45 -5.03 25.44
N ASP B 188 -9.50 -4.44 24.88
CA ASP B 188 -10.03 -4.88 23.59
C ASP B 188 -9.15 -4.37 22.43
N PHE B 189 -9.37 -4.94 21.25
CA PHE B 189 -8.56 -4.58 20.08
C PHE B 189 -8.59 -3.09 19.76
N HIS B 190 -7.42 -2.53 19.47
CA HIS B 190 -7.33 -1.14 19.14
C HIS B 190 -6.02 -0.91 18.43
N ILE B 191 -5.91 0.25 17.80
CA ILE B 191 -4.64 0.72 17.29
C ILE B 191 -4.30 1.92 18.14
N ASP B 192 -3.05 2.01 18.57
CA ASP B 192 -2.65 3.12 19.40
C ASP B 192 -2.80 4.45 18.65
N SER B 193 -3.15 5.49 19.38
CA SER B 193 -3.41 6.80 18.76
C SER B 193 -2.22 7.32 17.95
N GLY B 194 -2.49 7.92 16.81
CA GLY B 194 -1.42 8.44 15.96
C GLY B 194 -0.65 7.38 15.20
N GLY B 195 -1.12 6.14 15.21
CA GLY B 195 -0.33 5.05 14.64
C GLY B 195 1.03 4.98 15.29
N ALA B 196 1.08 5.44 16.55
CA ALA B 196 2.31 5.44 17.31
C ALA B 196 2.80 4.00 17.54
N SER B 197 4.11 3.85 17.53
CA SER B 197 4.76 2.61 17.92
C SER B 197 4.92 2.62 19.44
N ALA B 198 5.12 1.45 20.02
CA ALA B 198 5.20 1.37 21.48
C ALA B 198 6.33 0.47 21.96
N TRP B 199 6.90 0.83 23.10
CA TRP B 199 7.70 -0.11 23.88
C TRP B 199 6.90 -0.45 25.12
N TYR B 200 6.98 -1.71 25.55
CA TYR B 200 6.15 -2.20 26.61
C TYR B 200 7.00 -3.16 27.43
N HIS B 201 7.26 -2.79 28.68
CA HIS B 201 8.10 -3.58 29.58
C HIS B 201 7.32 -4.08 30.79
N VAL B 202 7.29 -5.39 30.98
CA VAL B 202 6.54 -6.00 32.06
C VAL B 202 7.47 -6.11 33.26
N LEU B 203 7.13 -5.41 34.34
CA LEU B 203 7.94 -5.45 35.55
C LEU B 203 7.61 -6.68 36.38
N LYS B 204 6.33 -6.90 36.59
CA LYS B 204 5.88 -8.00 37.43
C LYS B 204 4.67 -8.65 36.80
N GLY B 205 4.66 -9.97 36.83
CA GLY B 205 3.53 -10.73 36.30
C GLY B 205 3.73 -11.01 34.82
N GLU B 206 2.62 -11.07 34.10
CA GLU B 206 2.71 -11.29 32.66
C GLU B 206 1.53 -10.72 31.89
N LYS B 207 1.76 -10.43 30.61
CA LYS B 207 0.75 -9.80 29.79
C LYS B 207 0.68 -10.55 28.48
N THR B 208 -0.52 -10.97 28.10
CA THR B 208 -0.67 -11.67 26.82
C THR B 208 -1.22 -10.74 25.76
N PHE B 209 -0.51 -10.63 24.63
CA PHE B 209 -0.91 -9.77 23.53
C PHE B 209 -1.50 -10.62 22.40
N TYR B 210 -2.57 -10.12 21.79
CA TYR B 210 -3.18 -10.74 20.63
C TYR B 210 -3.01 -9.77 19.48
N LEU B 211 -2.18 -10.15 18.50
CA LEU B 211 -1.64 -9.20 17.54
C LEU B 211 -2.16 -9.47 16.13
N ILE B 212 -2.58 -8.40 15.46
CA ILE B 212 -3.11 -8.49 14.10
C ILE B 212 -2.36 -7.51 13.20
N ARG B 213 -1.84 -8.02 12.09
CA ARG B 213 -1.05 -7.23 11.17
CA ARG B 213 -1.04 -7.22 11.17
C ARG B 213 -1.87 -6.12 10.53
N PRO B 214 -1.32 -4.91 10.44
CA PRO B 214 -2.11 -3.84 9.82
C PRO B 214 -2.13 -3.92 8.28
N ALA B 215 -2.47 -5.10 7.75
CA ALA B 215 -2.73 -5.21 6.32
C ALA B 215 -3.92 -4.32 5.96
N SER B 216 -3.90 -3.77 4.76
CA SER B 216 -4.88 -2.76 4.41
C SER B 216 -6.32 -3.18 4.73
N ALA B 217 -6.68 -4.41 4.35
CA ALA B 217 -8.03 -4.88 4.59
C ALA B 217 -8.32 -5.04 6.08
N ASN B 218 -7.30 -5.42 6.86
CA ASN B 218 -7.48 -5.52 8.31
C ASN B 218 -7.80 -4.17 8.97
N ILE B 219 -7.12 -3.13 8.52
CA ILE B 219 -7.38 -1.81 9.02
C ILE B 219 -8.78 -1.37 8.69
N SER B 220 -9.21 -1.59 7.47
CA SER B 220 -10.58 -1.31 7.08
C SER B 220 -11.62 -2.07 7.91
N LEU B 221 -11.41 -3.34 8.12
CA LEU B 221 -12.28 -4.11 8.99
C LEU B 221 -12.29 -3.57 10.40
N TYR B 222 -11.12 -3.22 10.88
CA TYR B 222 -11.00 -2.64 12.22
C TYR B 222 -11.82 -1.38 12.35
N GLU B 223 -11.69 -0.50 11.37
CA GLU B 223 -12.42 0.76 11.39
C GLU B 223 -13.93 0.51 11.44
N ARG B 224 -14.39 -0.40 10.59
CA ARG B 224 -15.82 -0.73 10.52
C ARG B 224 -16.32 -1.41 11.80
N TRP B 225 -15.48 -2.24 12.41
CA TRP B 225 -15.85 -2.85 13.68
C TRP B 225 -15.93 -1.82 14.80
N ARG B 226 -14.92 -0.97 14.90
CA ARG B 226 -14.85 -0.02 16.00
CA ARG B 226 -14.84 0.00 15.99
C ARG B 226 -16.00 0.99 15.93
N SER B 227 -16.47 1.27 14.72
CA SER B 227 -17.54 2.26 14.58
C SER B 227 -18.92 1.72 14.97
N ALA B 228 -19.07 0.39 14.95
CA ALA B 228 -20.33 -0.25 15.27
C ALA B 228 -20.66 -0.11 16.76
N SER B 229 -21.88 0.34 17.03
CA SER B 229 -22.34 0.62 18.39
C SER B 229 -22.21 -0.59 19.31
N ASN B 230 -22.25 -1.78 18.72
CA ASN B 230 -22.19 -3.02 19.48
C ASN B 230 -20.87 -3.76 19.32
N HIS B 231 -19.78 -3.01 19.16
CA HIS B 231 -18.48 -3.61 18.96
C HIS B 231 -18.05 -4.44 20.17
N SER B 232 -18.45 -4.01 21.37
CA SER B 232 -18.09 -4.73 22.59
C SER B 232 -18.76 -6.08 22.68
N GLU B 233 -19.62 -6.41 21.73
CA GLU B 233 -20.28 -7.71 21.71
C GLU B 233 -19.74 -8.56 20.57
N MET B 234 -18.76 -8.04 19.85
CA MET B 234 -18.18 -8.74 18.70
C MET B 234 -16.68 -8.92 18.89
N PHE B 235 -16.21 -10.16 18.79
CA PHE B 235 -14.80 -10.46 18.93
C PHE B 235 -14.10 -10.16 17.61
N PHE B 236 -13.32 -9.08 17.57
CA PHE B 236 -12.75 -8.63 16.30
C PHE B 236 -11.92 -9.69 15.58
N ALA B 237 -11.15 -10.47 16.34
CA ALA B 237 -10.22 -11.45 15.77
C ALA B 237 -10.93 -12.50 14.91
N ASP B 238 -12.22 -12.69 15.13
CA ASP B 238 -13.03 -13.57 14.27
C ASP B 238 -13.07 -13.08 12.81
N GLN B 239 -12.79 -11.81 12.59
CA GLN B 239 -12.94 -11.22 11.28
C GLN B 239 -11.66 -11.27 10.43
N VAL B 240 -10.54 -11.67 11.02
CA VAL B 240 -9.27 -11.64 10.30
C VAL B 240 -8.70 -13.05 10.14
N ASP B 241 -7.72 -13.20 9.26
CA ASP B 241 -7.14 -14.53 9.02
C ASP B 241 -6.23 -14.97 10.15
N LYS B 242 -5.38 -14.06 10.61
CA LYS B 242 -4.36 -14.41 11.61
C LYS B 242 -4.35 -13.41 12.78
N CYS B 243 -4.51 -13.94 13.98
CA CYS B 243 -4.34 -13.16 15.19
C CYS B 243 -3.32 -13.89 16.07
N TYR B 244 -2.12 -13.32 16.17
CA TYR B 244 -1.01 -13.97 16.85
C TYR B 244 -1.00 -13.78 18.36
N LYS B 245 -0.74 -14.85 19.11
CA LYS B 245 -0.71 -14.79 20.57
C LYS B 245 0.74 -14.68 21.04
N CYS B 246 1.02 -13.63 21.81
CA CYS B 246 2.38 -13.39 22.28
C CYS B 246 2.39 -13.11 23.78
N ILE B 247 2.99 -14.01 24.56
CA ILE B 247 3.07 -13.84 26.00
C ILE B 247 4.29 -13.02 26.35
N VAL B 248 4.10 -11.94 27.08
CA VAL B 248 5.22 -11.14 27.53
C VAL B 248 5.41 -11.33 29.04
N LYS B 249 6.55 -11.90 29.42
CA LYS B 249 6.77 -12.25 30.82
C LYS B 249 7.61 -11.22 31.56
N GLN B 250 7.80 -11.46 32.84
CA GLN B 250 8.47 -10.52 33.71
C GLN B 250 9.86 -10.22 33.15
N GLY B 251 10.22 -8.95 33.06
CA GLY B 251 11.54 -8.57 32.61
C GLY B 251 11.66 -8.43 31.09
N GLN B 252 10.65 -8.87 30.37
CA GLN B 252 10.74 -8.80 28.91
C GLN B 252 10.14 -7.49 28.39
N THR B 253 10.59 -7.07 27.20
CA THR B 253 10.14 -5.81 26.59
C THR B 253 9.65 -6.10 25.16
N LEU B 254 8.44 -5.66 24.85
CA LEU B 254 7.88 -5.86 23.52
C LEU B 254 7.80 -4.52 22.81
N PHE B 255 8.25 -4.50 21.55
CA PHE B 255 8.18 -3.32 20.72
C PHE B 255 7.12 -3.55 19.63
N ILE B 256 6.08 -2.73 19.65
CA ILE B 256 4.96 -2.86 18.73
C ILE B 256 4.99 -1.81 17.63
N PRO B 257 4.97 -2.24 16.36
CA PRO B 257 5.12 -1.28 15.27
C PRO B 257 3.83 -0.50 14.96
N SER B 258 3.98 0.51 14.12
CA SER B 258 2.88 1.38 13.74
C SER B 258 1.72 0.59 13.19
N GLY B 259 0.52 0.92 13.63
CA GLY B 259 -0.70 0.42 13.03
C GLY B 259 -1.19 -0.95 13.47
N TRP B 260 -0.34 -1.71 14.18
CA TRP B 260 -0.77 -3.02 14.64
C TRP B 260 -2.04 -2.94 15.50
N ILE B 261 -2.96 -3.84 15.22
CA ILE B 261 -4.23 -3.91 15.94
C ILE B 261 -4.07 -5.00 17.00
N TYR B 262 -4.20 -4.64 18.27
CA TYR B 262 -4.01 -5.63 19.32
C TYR B 262 -4.96 -5.49 20.52
N ALA B 263 -5.14 -6.62 21.20
CA ALA B 263 -5.83 -6.66 22.47
C ALA B 263 -4.88 -7.30 23.47
N THR B 264 -5.18 -7.19 24.76
CA THR B 264 -4.37 -7.86 25.76
C THR B 264 -5.26 -8.56 26.78
N LEU B 265 -4.73 -9.63 27.35
CA LEU B 265 -5.37 -10.34 28.43
C LEU B 265 -4.34 -10.43 29.53
N THR B 266 -4.78 -10.23 30.77
CA THR B 266 -3.86 -10.27 31.90
C THR B 266 -4.09 -11.56 32.72
N PRO B 267 -3.16 -12.50 32.63
CA PRO B 267 -3.34 -13.82 33.27
C PRO B 267 -3.16 -13.73 34.78
N VAL B 268 -2.33 -12.80 35.23
CA VAL B 268 -2.06 -12.63 36.67
C VAL B 268 -1.85 -11.15 36.92
N ASP B 269 -1.97 -10.72 38.16
CA ASP B 269 -1.80 -9.30 38.46
C ASP B 269 -0.51 -8.86 37.81
N CYS B 270 -0.53 -7.73 37.11
CA CYS B 270 0.61 -7.30 36.30
C CYS B 270 0.91 -5.82 36.52
N LEU B 271 2.19 -5.48 36.59
CA LEU B 271 2.64 -4.09 36.62
C LEU B 271 3.61 -3.88 35.49
N ALA B 272 3.31 -2.91 34.61
CA ALA B 272 4.16 -2.69 33.44
C ALA B 272 4.39 -1.21 33.14
N PHE B 273 5.42 -0.93 32.35
CA PHE B 273 5.68 0.43 31.90
C PHE B 273 5.71 0.46 30.37
N ALA B 274 5.28 1.59 29.80
CA ALA B 274 5.22 1.72 28.34
C ALA B 274 5.36 3.16 27.92
N GLY B 275 5.70 3.36 26.65
CA GLY B 275 5.78 4.69 26.07
C GLY B 275 5.49 4.59 24.57
N HIS B 276 5.09 5.70 23.96
CA HIS B 276 4.69 5.71 22.56
C HIS B 276 5.47 6.74 21.78
N PHE B 277 5.72 6.46 20.49
CA PHE B 277 6.56 7.34 19.69
C PHE B 277 6.26 7.24 18.20
N LEU B 278 6.58 8.30 17.48
CA LEU B 278 6.47 8.37 16.04
C LEU B 278 7.87 8.25 15.46
N HIS B 279 8.00 7.74 14.24
CA HIS B 279 9.31 7.61 13.62
C HIS B 279 9.24 7.59 12.11
N SER B 280 10.40 7.70 11.48
CA SER B 280 10.47 7.88 10.03
C SER B 280 10.26 6.64 9.19
N LEU B 281 10.13 5.48 9.84
CA LEU B 281 9.94 4.23 9.11
C LEU B 281 8.48 3.94 8.81
N SER B 282 7.57 4.71 9.39
CA SER B 282 6.15 4.42 9.25
C SER B 282 5.30 5.68 9.03
N VAL B 283 5.82 6.60 8.23
CA VAL B 283 5.05 7.80 7.92
C VAL B 283 3.67 7.46 7.34
N GLU B 284 3.62 6.50 6.42
CA GLU B 284 2.35 6.21 5.76
C GLU B 284 1.34 5.61 6.74
N MET B 285 1.76 4.59 7.47
CA MET B 285 0.88 3.95 8.43
C MET B 285 0.43 4.92 9.53
N GLN B 286 1.34 5.74 10.02
CA GLN B 286 1.01 6.76 11.02
C GLN B 286 -0.13 7.67 10.53
N MET B 287 0.01 8.17 9.31
CA MET B 287 -1.05 8.99 8.71
C MET B 287 -2.36 8.22 8.51
N ARG B 288 -2.27 6.99 8.02
CA ARG B 288 -3.44 6.15 7.86
C ARG B 288 -4.17 5.92 9.19
N ALA B 289 -3.41 5.62 10.23
CA ALA B 289 -3.99 5.42 11.55
C ALA B 289 -4.65 6.71 12.01
N TYR B 290 -3.97 7.83 11.79
CA TYR B 290 -4.51 9.13 12.20
C TYR B 290 -5.83 9.42 11.48
N GLU B 291 -5.88 9.12 10.18
CA GLU B 291 -7.09 9.32 9.41
C GLU B 291 -8.25 8.45 9.90
N VAL B 292 -7.95 7.20 10.26
CA VAL B 292 -8.99 6.35 10.82
C VAL B 292 -9.58 6.93 12.10
N GLU B 293 -8.71 7.34 13.02
CA GLU B 293 -9.22 7.81 14.29
C GLU B 293 -9.94 9.16 14.15
N ARG B 294 -9.52 9.98 13.18
CA ARG B 294 -10.24 11.23 12.91
C ARG B 294 -11.66 10.97 12.38
N ARG B 295 -11.82 9.90 11.61
CA ARG B 295 -13.14 9.47 11.17
C ARG B 295 -13.96 8.84 12.29
N LEU B 296 -13.29 8.12 13.20
CA LEU B 296 -13.99 7.44 14.29
C LEU B 296 -14.53 8.42 15.33
N LYS B 297 -13.86 9.55 15.48
CA LYS B 297 -14.29 10.59 16.41
C LYS B 297 -14.53 10.02 17.82
N LEU B 298 -13.48 9.49 18.43
CA LEU B 298 -13.63 8.83 19.73
C LEU B 298 -13.33 9.73 20.93
N GLY B 299 -12.30 10.57 20.82
CA GLY B 299 -11.77 11.28 21.97
C GLY B 299 -11.38 10.25 23.01
N SER B 300 -10.32 9.49 22.71
CA SER B 300 -10.02 8.27 23.45
C SER B 300 -9.33 8.46 24.80
N LEU B 301 -9.10 9.71 25.21
CA LEU B 301 -8.42 10.00 26.47
C LEU B 301 -6.99 9.45 26.48
N THR B 302 -6.70 8.57 25.52
CA THR B 302 -5.34 8.07 25.30
C THR B 302 -4.85 8.61 23.96
N GLN B 303 -5.53 9.62 23.47
CA GLN B 303 -5.18 10.26 22.22
C GLN B 303 -3.73 10.74 22.28
N PHE B 304 -3.07 10.74 21.12
CA PHE B 304 -1.71 11.25 21.00
C PHE B 304 -1.81 12.77 20.83
N PRO B 305 -1.55 13.52 21.91
CA PRO B 305 -1.70 14.97 21.80
C PRO B 305 -0.67 15.59 20.89
N ASN B 306 -1.10 16.59 20.12
CA ASN B 306 -0.21 17.30 19.20
C ASN B 306 0.51 16.42 18.18
N PHE B 307 -0.18 15.40 17.70
CA PHE B 307 0.34 14.59 16.60
C PHE B 307 0.66 15.48 15.38
N GLU B 308 -0.25 16.38 15.04
CA GLU B 308 0.02 17.24 13.90
C GLU B 308 1.27 18.09 14.13
N THR B 309 1.42 18.60 15.34
CA THR B 309 2.60 19.41 15.65
C THR B 309 3.87 18.62 15.42
N ALA B 310 3.90 17.36 15.83
CA ALA B 310 5.08 16.53 15.63
C ALA B 310 5.34 16.40 14.13
N CYS B 311 4.28 16.23 13.34
CA CYS B 311 4.39 16.20 11.88
C CYS B 311 4.95 17.50 11.28
N TRP B 312 4.48 18.65 11.75
CA TRP B 312 5.01 19.93 11.28
C TRP B 312 6.51 20.04 11.52
N TYR B 313 6.96 19.67 12.72
CA TYR B 313 8.38 19.71 13.03
C TYR B 313 9.18 18.73 12.16
N MET B 314 8.59 17.57 11.90
CA MET B 314 9.22 16.61 10.98
C MET B 314 9.35 17.25 9.59
N GLY B 315 8.29 17.90 9.14
CA GLY B 315 8.31 18.56 7.84
C GLY B 315 9.43 19.59 7.71
N LYS B 316 9.59 20.43 8.73
CA LYS B 316 10.67 21.40 8.75
C LYS B 316 12.04 20.73 8.72
N HIS B 317 12.21 19.65 9.48
CA HIS B 317 13.47 18.92 9.43
C HIS B 317 13.76 18.35 8.04
N LEU B 318 12.74 17.81 7.39
CA LEU B 318 12.92 17.24 6.06
C LEU B 318 13.33 18.33 5.07
N LEU B 319 12.68 19.48 5.12
CA LEU B 319 13.07 20.59 4.27
C LEU B 319 14.56 20.83 4.42
N GLU B 320 15.02 20.92 5.67
CA GLU B 320 16.44 21.12 5.94
C GLU B 320 17.31 20.01 5.37
N ALA B 321 16.85 18.76 5.49
CA ALA B 321 17.62 17.62 4.98
C ALA B 321 17.77 17.65 3.45
N PHE B 322 16.71 18.07 2.77
CA PHE B 322 16.75 18.24 1.32
C PHE B 322 17.78 19.28 0.90
N LYS B 323 17.72 20.45 1.54
CA LYS B 323 18.63 21.53 1.20
C LYS B 323 20.08 21.12 1.46
N GLY B 324 20.28 20.27 2.46
CA GLY B 324 21.61 19.79 2.77
C GLY B 324 22.14 18.85 1.71
N SER B 325 21.26 18.02 1.15
CA SER B 325 21.64 17.04 0.16
C SER B 325 22.12 17.72 -1.12
N HIS B 326 21.51 18.85 -1.43
CA HIS B 326 21.93 19.68 -2.56
C HIS B 326 23.39 20.06 -2.45
N LYS B 327 23.84 20.32 -1.24
CA LYS B 327 25.19 20.82 -1.00
C LYS B 327 26.16 19.71 -0.62
N SER B 328 25.62 18.54 -0.30
CA SER B 328 26.46 17.38 0.02
C SER B 328 26.50 16.40 -1.13
N GLY B 329 25.52 16.49 -2.03
CA GLY B 329 25.41 15.56 -3.15
C GLY B 329 24.78 14.23 -2.74
N LYS B 330 24.55 14.06 -1.44
CA LYS B 330 24.02 12.81 -0.91
C LYS B 330 22.49 12.78 -0.95
N GLN B 331 21.95 11.99 -1.86
CA GLN B 331 20.50 11.81 -1.98
C GLN B 331 19.86 11.30 -0.69
N LEU B 332 18.67 11.80 -0.38
CA LEU B 332 17.92 11.25 0.75
C LEU B 332 17.43 9.86 0.40
N PRO B 333 17.36 8.98 1.41
CA PRO B 333 16.80 7.64 1.20
C PRO B 333 15.40 7.77 0.62
N PRO B 334 15.04 6.87 -0.30
CA PRO B 334 13.70 6.89 -0.90
C PRO B 334 12.58 6.94 0.14
N HIS B 335 12.74 6.28 1.28
CA HIS B 335 11.67 6.26 2.28
C HIS B 335 11.44 7.64 2.86
N LEU B 336 12.50 8.43 3.02
CA LEU B 336 12.34 9.80 3.48
C LEU B 336 11.64 10.65 2.44
N VAL B 337 11.97 10.42 1.17
CA VAL B 337 11.32 11.15 0.10
C VAL B 337 9.84 10.79 0.04
N GLN B 338 9.55 9.50 0.12
CA GLN B 338 8.16 9.07 0.20
C GLN B 338 7.49 9.69 1.43
N GLY B 339 8.22 9.74 2.54
CA GLY B 339 7.69 10.35 3.76
C GLY B 339 7.31 11.81 3.55
N ALA B 340 8.20 12.58 2.93
CA ALA B 340 7.95 13.99 2.68
C ALA B 340 6.68 14.18 1.85
N LYS B 341 6.51 13.34 0.84
CA LYS B 341 5.34 13.42 -0.02
C LYS B 341 4.08 13.24 0.80
N ILE B 342 4.06 12.22 1.65
CA ILE B 342 2.90 11.97 2.50
C ILE B 342 2.64 13.12 3.47
N LEU B 343 3.70 13.61 4.10
CA LEU B 343 3.56 14.75 5.01
C LEU B 343 3.07 16.00 4.28
N ASN B 344 3.63 16.27 3.11
CA ASN B 344 3.22 17.46 2.38
C ASN B 344 1.72 17.38 2.04
N GLY B 345 1.27 16.21 1.63
CA GLY B 345 -0.15 15.99 1.40
C GLY B 345 -0.96 16.37 2.63
N ALA B 346 -0.52 15.89 3.79
CA ALA B 346 -1.17 16.24 5.05
C ALA B 346 -1.14 17.74 5.32
N PHE B 347 0.03 18.35 5.17
CA PHE B 347 0.16 19.77 5.44
C PHE B 347 -0.85 20.56 4.60
N ARG B 348 -0.98 20.18 3.33
CA ARG B 348 -1.95 20.83 2.44
C ARG B 348 -3.36 20.70 2.97
N SER B 349 -3.75 19.48 3.34
CA SER B 349 -5.12 19.21 3.78
C SER B 349 -5.47 19.91 5.08
N TRP B 350 -4.48 20.10 5.95
CA TRP B 350 -4.70 20.78 7.22
C TRP B 350 -4.79 22.29 7.07
N THR B 351 -4.36 22.80 5.92
CA THR B 351 -4.33 24.25 5.75
C THR B 351 -5.09 24.71 4.51
N LYS B 352 -5.91 23.83 3.94
CA LYS B 352 -6.70 24.17 2.77
C LYS B 352 -8.05 24.75 3.17
N LYS B 353 -8.56 25.65 2.33
CA LYS B 353 -9.91 26.18 2.47
C LYS B 353 -10.29 26.50 3.92
N GLN B 354 -11.36 25.86 4.39
CA GLN B 354 -11.88 26.11 5.72
C GLN B 354 -11.17 25.28 6.79
N ALA B 355 -10.29 24.38 6.36
CA ALA B 355 -9.58 23.48 7.28
C ALA B 355 -8.69 24.22 8.28
N LEU B 356 -7.91 25.17 7.79
CA LEU B 356 -6.89 25.84 8.58
C LEU B 356 -7.33 26.23 10.00
N ALA B 357 -8.61 26.52 10.17
CA ALA B 357 -9.12 26.92 11.48
C ALA B 357 -8.74 25.92 12.58
N GLU B 358 -9.45 24.80 12.64
CA GLU B 358 -9.24 23.80 13.70
C GLU B 358 -7.84 23.17 13.75
N HIS B 359 -7.10 23.28 12.66
CA HIS B 359 -5.74 22.74 12.61
C HIS B 359 -4.67 23.77 13.01
N GLU B 360 -4.99 25.05 12.95
CA GLU B 360 -4.00 26.07 13.27
C GLU B 360 -3.54 26.01 14.73
N ASP B 361 -4.36 25.39 15.57
CA ASP B 361 -4.09 25.29 16.98
C ASP B 361 -2.88 24.39 17.29
N GLU B 362 -2.54 23.53 16.33
CA GLU B 362 -1.40 22.63 16.49
C GLU B 362 -0.20 23.12 15.67
N LEU B 363 -0.34 24.26 15.01
CA LEU B 363 0.79 24.79 14.23
C LEU B 363 1.79 25.47 15.15
N PRO B 364 3.08 25.16 15.01
CA PRO B 364 4.11 25.78 15.86
C PRO B 364 4.37 27.24 15.53
N GLU B 365 4.76 28.03 16.53
CA GLU B 365 5.13 29.41 16.33
C GLU B 365 6.16 29.59 15.20
N HIS B 366 5.91 30.61 14.37
CA HIS B 366 6.87 31.01 13.34
C HIS B 366 6.88 30.10 12.10
N PHE B 367 5.91 29.18 12.03
CA PHE B 367 5.72 28.40 10.81
C PHE B 367 4.92 29.19 9.80
N LYS B 368 5.36 29.09 8.55
CA LYS B 368 4.62 29.60 7.41
C LYS B 368 4.25 28.40 6.54
N PRO B 369 3.06 27.82 6.79
CA PRO B 369 2.64 26.57 6.15
C PRO B 369 2.70 26.65 4.64
N SER B 370 2.14 27.72 4.06
CA SER B 370 2.09 27.83 2.61
C SER B 370 3.50 27.78 2.03
N GLN B 371 4.43 28.51 2.66
CA GLN B 371 5.84 28.49 2.25
C GLN B 371 6.49 27.11 2.38
N LEU B 372 6.23 26.45 3.50
CA LEU B 372 6.81 25.13 3.73
C LEU B 372 6.33 24.13 2.66
N ILE B 373 5.03 24.15 2.39
CA ILE B 373 4.44 23.22 1.44
C ILE B 373 5.01 23.43 0.04
N LYS B 374 5.20 24.69 -0.36
CA LYS B 374 5.75 24.98 -1.68
C LYS B 374 7.23 24.61 -1.73
N ASP B 375 7.95 24.84 -0.64
CA ASP B 375 9.36 24.48 -0.60
C ASP B 375 9.60 22.97 -0.60
N LEU B 376 8.81 22.22 0.16
CA LEU B 376 8.93 20.76 0.17
C LEU B 376 8.61 20.15 -1.19
N ALA B 377 7.49 20.57 -1.78
CA ALA B 377 7.07 20.05 -3.08
C ALA B 377 8.19 20.23 -4.11
N LYS B 378 8.84 21.39 -4.09
CA LYS B 378 9.92 21.65 -5.03
C LYS B 378 11.12 20.76 -4.75
N GLU B 379 11.41 20.54 -3.47
CA GLU B 379 12.53 19.70 -3.08
C GLU B 379 12.24 18.25 -3.43
N ILE B 380 10.99 17.86 -3.31
CA ILE B 380 10.57 16.52 -3.69
C ILE B 380 10.76 16.34 -5.20
N ARG B 381 10.18 17.24 -5.98
CA ARG B 381 10.33 17.19 -7.43
C ARG B 381 11.80 17.08 -7.87
N LEU B 382 12.66 17.87 -7.23
CA LEU B 382 14.09 17.86 -7.53
C LEU B 382 14.76 16.52 -7.22
N SER B 383 14.33 15.86 -6.15
CA SER B 383 14.91 14.56 -5.78
C SER B 383 14.49 13.47 -6.76
N GLU B 384 13.26 13.58 -7.24
CA GLU B 384 12.75 12.68 -8.25
C GLU B 384 13.33 13.06 -9.62
N ASN B 385 14.36 13.90 -9.61
CA ASN B 385 14.99 14.36 -10.83
C ASN B 385 13.91 14.62 -11.86
N ALA B 386 12.99 15.52 -11.51
CA ALA B 386 11.78 15.74 -12.29
C ALA B 386 11.18 17.11 -12.04
O1 OXY C . 0.02 2.50 -19.54
O2 OXY C . -0.39 3.46 -20.17
C1 EDO D . 17.86 3.18 -34.08
O1 EDO D . 18.43 2.27 -33.12
C2 EDO D . 16.75 2.45 -34.81
O2 EDO D . 17.33 1.37 -35.56
C1 EDO E . -10.95 -18.21 0.68
O1 EDO E . -11.12 -17.87 2.06
C2 EDO E . -11.93 -17.43 -0.19
O2 EDO E . -13.27 -17.67 0.22
C1 EDO F . -12.16 2.52 -11.40
O1 EDO F . -10.98 2.65 -10.60
C2 EDO F . -12.07 1.25 -12.23
O2 EDO F . -12.11 0.12 -11.37
C1 EDO G . -21.24 -14.57 -25.82
O1 EDO G . -21.44 -14.28 -24.43
C2 EDO G . -20.30 -15.76 -25.96
O2 EDO G . -19.92 -15.92 -27.34
C1 EDO H . 4.85 -14.50 -8.57
O1 EDO H . 5.22 -13.47 -7.64
C2 EDO H . 5.13 -15.88 -7.94
O2 EDO H . 4.81 -16.89 -8.89
C1 EDO I . -12.88 -17.46 -21.68
O1 EDO I . -12.46 -16.31 -20.94
C2 EDO I . -12.26 -18.70 -21.04
O2 EDO I . -12.69 -18.79 -19.68
C1 OGA J . 0.04 1.77 -23.21
C2 OGA J . 1.27 2.35 -23.87
C4 OGA J . 2.26 4.05 -25.37
C5 OGA J . 1.80 5.08 -26.36
O1 OGA J . -1.06 2.35 -23.40
O2 OGA J . 0.13 0.79 -22.37
O2' OGA J . 2.34 1.71 -23.93
O3 OGA J . 2.56 5.43 -27.30
N1 OGA J . 1.10 3.44 -24.77
O4 OGA J . 0.64 5.62 -26.23
CL CL K . -9.06 -7.13 -15.10
FE FE L . 2.19 -0.02 -22.56
S SO4 M . -21.77 -0.34 -31.25
O1 SO4 M . -21.42 -1.73 -30.98
O2 SO4 M . -20.91 0.59 -30.52
O3 SO4 M . -21.62 -0.08 -32.69
O4 SO4 M . -23.15 -0.09 -30.84
S SO4 N . -17.98 22.02 -19.45
O1 SO4 N . -16.73 21.34 -19.80
O2 SO4 N . -18.40 21.61 -18.11
O3 SO4 N . -17.78 23.46 -19.48
O4 SO4 N . -19.02 21.65 -20.41
O1 OXY O . -1.81 3.94 27.31
O2 OXY O . -1.93 3.89 26.09
C1 EDO P . 6.05 15.01 28.79
O1 EDO P . 5.31 16.20 29.05
C2 EDO P . 7.15 15.31 27.77
O2 EDO P . 7.60 14.10 27.15
C1 EDO Q . 2.20 -4.33 5.78
O1 EDO Q . 2.78 -3.92 7.03
C2 EDO Q . 0.98 -5.19 6.07
O2 EDO Q . 0.97 -6.32 5.21
C1 EDO R . 8.14 26.48 7.92
O1 EDO R . 7.70 27.82 8.12
C2 EDO R . 9.19 26.11 8.96
O2 EDO R . 10.39 26.89 8.75
C1 EDO S . -9.48 5.73 50.53
O1 EDO S . -9.67 4.71 49.53
C2 EDO S . -7.99 5.87 50.81
O2 EDO S . -7.41 4.59 51.09
C1 EDO T . 16.69 17.89 19.70
O1 EDO T . 16.10 18.48 20.87
C2 EDO T . 16.89 18.98 18.65
O2 EDO T . 15.67 19.72 18.50
C1 EDO U . 13.60 9.46 12.50
O1 EDO U . 12.95 8.30 13.07
C2 EDO U . 14.59 10.14 13.43
O2 EDO U . 15.59 9.21 13.90
C1 EDO V . -14.29 -15.55 23.37
O1 EDO V . -13.10 -16.27 23.05
C2 EDO V . -14.77 -14.80 22.13
O2 EDO V . -16.09 -14.28 22.35
C1 EDO W . 4.68 -0.91 9.85
O1 EDO W . 3.66 -1.36 10.76
C2 EDO W . 4.21 0.31 9.08
O2 EDO W . 5.37 0.99 8.58
C1 EDO X . 4.52 3.53 6.86
O1 EDO X . 3.65 2.41 6.73
C2 EDO X . 5.61 3.53 5.80
O2 EDO X . 5.83 4.89 5.42
C1 EDO Y . 8.67 5.54 5.13
O1 EDO Y . 8.09 6.09 6.32
C2 EDO Y . 8.14 6.33 3.95
O2 EDO Y . 6.77 6.68 4.21
C1 EDO Z . -10.65 -9.67 39.74
O1 EDO Z . -11.05 -9.93 41.09
C2 EDO Z . -9.12 -9.56 39.68
O2 EDO Z . -8.56 -10.88 39.68
C1 EDO AA . -7.82 -2.88 52.28
O1 EDO AA . -8.78 -1.83 52.10
C2 EDO AA . -7.08 -3.15 50.97
O2 EDO AA . -6.59 -1.93 50.40
C1 OGA BA . -0.87 0.18 25.88
C2 OGA BA . -1.94 -0.85 26.10
C4 OGA BA . -3.11 -2.47 27.56
C5 OGA BA . -2.76 -3.26 28.79
O1 OGA BA . 0.01 0.38 26.77
O2 OGA BA . -0.88 0.99 24.88
O2' OGA BA . -2.78 -1.11 25.22
O3 OGA BA . -3.24 -4.40 28.99
N1 OGA BA . -2.03 -1.54 27.34
O4 OGA BA . -1.75 -2.88 29.49
CL CL CA . 7.70 10.74 19.07
FE FE DA . -2.59 0.39 23.48
S SO4 EA . 21.90 -1.37 29.93
O1 SO4 EA . 21.82 -2.80 30.24
O2 SO4 EA . 20.86 -0.65 30.64
O3 SO4 EA . 23.22 -0.86 30.34
O4 SO4 EA . 21.76 -1.18 28.49
S SO4 FA . -2.17 1.39 4.67
O1 SO4 FA . -1.14 0.93 3.74
O2 SO4 FA . -1.78 1.07 6.03
O3 SO4 FA . -2.32 2.84 4.56
O4 SO4 FA . -3.46 0.75 4.33
#